data_6H1P
#
_entry.id   6H1P
#
_cell.length_a   140.219
_cell.length_b   140.219
_cell.length_c   127.995
_cell.angle_alpha   90.000
_cell.angle_beta   90.000
_cell.angle_gamma   120.000
#
_symmetry.space_group_name_H-M   'P 31 2 1'
#
loop_
_entity.id
_entity.type
_entity.pdbx_description
1 polymer Beta-galactosidase
2 non-polymer 'SODIUM ION'
3 water water
#
_entity_poly.entity_id   1
_entity_poly.type   'polypeptide(L)'
_entity_poly.pdbx_seq_one_letter_code
;GRSLELGAADIQDLESFEAGRGALPARAYLQSDAPRLSLNGEWQFRLSPGSRVAPDDGWQLGEALNGFESLPVPSSWPMH
GHGAPAYTNVQFPFAVEPPHVPEANPIGDHLVVFEAGPEFFPHALLRFDGIESAGTVWLNGVELGTTRGSRLAHEFDVSG
ILEQGENTLAVRVAQFSAASYVEDQDMWWLPGIFRDVTLQARPAAGIDDVFVHAGYDHITGEGILKVEASRGGQAIDAVV
RVPELALELAAGTEVRVPAVEPWSAEVPKLYEAAVSAAGESVALQIGFRSIAIEDAQFKVNGRRILLRGVNRHEHHPRLG
RVVPRDVVEAELRLMKQHNINAIRTSHYPPHPQFLALADQLGFYVVLECDLETHGFESAGWAQNPSDDPQWEDALVDRMR
RTVERDKNHASVVMWSLGNEAGTGRNLAAMSRWTKDRDPSRPIHYEGDWSSEHVDVYSRMYASQAETALIGQGIEPALND
AALDARRRAMPFVLCEYVHAMGNGPGGMSEYQALFEKYPRLMGGFVWEWLEHGITVSTADGVDHYGYGGDFGEEVHDGNF
VTDGLVDADRRPRPGLLDFKKVIEPLRIDVARDWTGFTLRNGQDFADTSAFSFRYEVEADGGALDGGTVDVAPVAPQSET
VVELPGSVAALAAGLSDGRPAVLTVRAVLGADSAWADAGHEVAWGQSVREPGAPVPPAPVEPVQVQDSELTLGPVVFSRA
TGMPTSIGGVPVEKLGLTLWWAPTDNDLGREWGGADERPLATQWKDAGLNRLHTRLLGISANPGQDGGETLTVRTRVSAA
DKQYGVLVDYTWSTDGETVGLRTQVRRDGTWVNRGFEVEWARIGLEFVLGEETELVSWFGQGPHQSYPDTGQGARAGWFS
LPLAKMDVEYVRPQECGARSGSRSAALQLGGRTLEICGDPFALTVRPYSQDVLDAAAHRPDLKADGRTYLYVDHALRGVG
TAACGPGVLEQYRLKPRDADFILTLKVRS
;
_entity_poly.pdbx_strand_id   A
#
loop_
_chem_comp.id
_chem_comp.type
_chem_comp.name
_chem_comp.formula
NA non-polymer 'SODIUM ION' 'Na 1'
#
# COMPACT_ATOMS: atom_id res chain seq x y z
N GLY A 1 15.12 44.23 -35.74
CA GLY A 1 15.54 42.95 -35.20
C GLY A 1 16.47 43.11 -34.01
N ARG A 2 16.04 42.61 -32.85
CA ARG A 2 16.82 42.73 -31.62
C ARG A 2 16.22 41.81 -30.54
N SER A 3 17.04 41.40 -29.57
CA SER A 3 16.58 40.49 -28.52
C SER A 3 16.98 40.98 -27.13
N LEU A 4 16.03 41.00 -26.20
CA LEU A 4 16.25 41.68 -24.93
C LEU A 4 15.79 40.93 -23.68
N GLU A 5 15.44 39.65 -23.80
CA GLU A 5 14.98 38.90 -22.64
C GLU A 5 16.13 38.28 -21.84
N LEU A 6 15.89 38.07 -20.55
CA LEU A 6 16.93 37.59 -19.63
C LEU A 6 16.93 36.08 -19.44
N GLY A 7 18.12 35.48 -19.48
CA GLY A 7 18.28 34.07 -19.16
C GLY A 7 17.85 33.13 -20.27
N ALA A 8 17.88 33.61 -21.50
CA ALA A 8 17.48 32.81 -22.66
C ALA A 8 18.27 31.51 -22.76
N ALA A 9 19.60 31.62 -22.66
CA ALA A 9 20.48 30.47 -22.83
C ALA A 9 20.26 29.39 -21.77
N ASP A 10 19.97 29.82 -20.55
CA ASP A 10 19.66 28.89 -19.47
C ASP A 10 18.44 28.04 -19.81
N ILE A 11 17.43 28.69 -20.37
CA ILE A 11 16.17 28.01 -20.64
C ILE A 11 16.28 27.06 -21.82
N GLN A 12 17.08 27.43 -22.81
CA GLN A 12 17.31 26.56 -23.96
C GLN A 12 17.88 25.22 -23.52
N ASP A 13 18.68 25.25 -22.45
CA ASP A 13 19.22 24.03 -21.89
C ASP A 13 18.10 23.22 -21.26
N LEU A 14 17.27 23.89 -20.47
CA LEU A 14 16.14 23.27 -19.81
C LEU A 14 15.16 22.66 -20.81
N GLU A 15 15.12 23.23 -22.01
CA GLU A 15 14.17 22.80 -23.03
C GLU A 15 14.79 21.89 -24.10
N SER A 16 15.89 21.23 -23.77
CA SER A 16 16.52 20.35 -24.74
C SER A 16 15.94 18.95 -24.62
N PHE A 17 15.84 18.26 -25.75
CA PHE A 17 15.39 16.87 -25.75
C PHE A 17 16.57 15.95 -25.54
N GLU A 18 17.75 16.53 -25.36
CA GLU A 18 18.98 15.77 -25.18
C GLU A 18 19.10 15.24 -23.76
N ALA A 19 19.76 14.09 -23.61
CA ALA A 19 20.06 13.56 -22.30
C ALA A 19 21.22 14.33 -21.69
N GLY A 20 21.59 14.00 -20.46
CA GLY A 20 22.69 14.66 -19.79
C GLY A 20 23.97 14.60 -20.59
N ARG A 21 24.62 15.75 -20.78
CA ARG A 21 25.86 15.81 -21.52
C ARG A 21 27.06 15.81 -20.58
N GLY A 22 28.16 15.24 -21.04
CA GLY A 22 29.39 15.23 -20.27
C GLY A 22 29.55 14.00 -19.40
N ALA A 23 28.43 13.40 -19.02
CA ALA A 23 28.44 12.25 -18.11
C ALA A 23 29.13 11.04 -18.73
N LEU A 24 29.80 10.27 -17.88
CA LEU A 24 30.49 9.05 -18.33
C LEU A 24 29.48 7.99 -18.73
N PRO A 25 29.91 6.98 -19.48
CA PRO A 25 29.01 5.89 -19.84
C PRO A 25 28.37 5.22 -18.62
N ALA A 26 27.14 4.76 -18.79
CA ALA A 26 26.41 4.14 -17.69
C ALA A 26 27.05 2.83 -17.27
N ARG A 27 27.15 2.62 -15.97
CA ARG A 27 27.72 1.40 -15.43
C ARG A 27 26.96 0.98 -14.19
N ALA A 28 27.26 -0.22 -13.69
CA ALA A 28 26.58 -0.72 -12.52
C ALA A 28 27.11 -0.09 -11.24
N TYR A 29 26.28 -0.11 -10.21
CA TYR A 29 26.69 0.34 -8.88
C TYR A 29 27.42 -0.78 -8.18
N LEU A 30 28.74 -0.64 -8.04
CA LEU A 30 29.56 -1.69 -7.46
C LEU A 30 30.20 -1.27 -6.15
N GLN A 31 30.32 -2.22 -5.22
CA GLN A 31 31.10 -2.00 -4.01
C GLN A 31 32.58 -2.20 -4.31
N SER A 32 33.36 -1.15 -4.19
CA SER A 32 34.77 -1.19 -4.57
C SER A 32 35.71 -0.82 -3.43
N ASP A 33 36.91 -1.37 -3.45
CA ASP A 33 37.90 -1.04 -2.44
C ASP A 33 38.61 0.27 -2.79
N ALA A 34 38.32 0.80 -3.98
CA ALA A 34 38.82 2.10 -4.38
C ALA A 34 38.35 3.17 -3.41
N PRO A 35 39.25 4.07 -3.00
CA PRO A 35 38.97 5.09 -1.99
C PRO A 35 37.79 5.97 -2.37
N ARG A 36 36.88 6.20 -1.43
CA ARG A 36 35.71 7.04 -1.68
C ARG A 36 35.62 8.15 -0.65
N LEU A 37 35.05 9.27 -1.06
CA LEU A 37 34.75 10.35 -0.15
C LEU A 37 33.31 10.83 -0.35
N SER A 38 32.48 10.62 0.66
CA SER A 38 31.10 11.10 0.62
C SER A 38 31.06 12.59 0.90
N LEU A 39 30.31 13.34 0.07
CA LEU A 39 30.20 14.78 0.27
C LEU A 39 28.87 15.15 0.89
N ASN A 40 28.25 14.19 1.58
CA ASN A 40 26.98 14.43 2.27
C ASN A 40 27.17 15.25 3.53
N GLY A 41 26.35 16.29 3.70
CA GLY A 41 26.44 17.13 4.88
C GLY A 41 25.88 18.52 4.63
N GLU A 42 26.28 19.48 5.46
CA GLU A 42 25.85 20.87 5.29
C GLU A 42 26.41 21.48 4.01
N TRP A 43 25.52 21.87 3.10
CA TRP A 43 25.93 22.61 1.92
C TRP A 43 25.35 24.02 1.98
N GLN A 44 25.81 24.89 1.09
CA GLN A 44 25.26 26.24 1.00
C GLN A 44 24.18 26.29 -0.07
N PHE A 45 23.10 27.02 0.20
CA PHE A 45 21.91 26.95 -0.64
C PHE A 45 21.24 28.30 -0.88
N ARG A 46 21.06 28.64 -2.14
CA ARG A 46 20.34 29.87 -2.52
C ARG A 46 19.20 29.57 -3.46
N LEU A 47 18.02 30.11 -3.14
CA LEU A 47 16.83 29.87 -3.95
C LEU A 47 16.46 31.08 -4.79
N SER A 48 16.06 30.82 -6.03
CA SER A 48 15.60 31.87 -6.94
C SER A 48 14.27 31.45 -7.55
N PRO A 49 13.39 32.43 -7.84
CA PRO A 49 12.06 32.10 -8.33
C PRO A 49 12.02 31.66 -9.79
N GLY A 50 13.04 32.01 -10.56
CA GLY A 50 13.06 31.66 -11.98
C GLY A 50 14.46 31.60 -12.53
N SER A 51 14.58 31.14 -13.77
CA SER A 51 15.87 31.04 -14.44
C SER A 51 16.27 32.39 -15.02
N ARG A 52 15.27 33.20 -15.34
CA ARG A 52 15.52 34.55 -15.84
C ARG A 52 15.99 35.47 -14.72
N VAL A 53 15.69 35.08 -13.49
CA VAL A 53 16.01 35.89 -12.32
C VAL A 53 17.20 35.30 -11.58
N ALA A 54 17.64 34.11 -12.00
CA ALA A 54 18.76 33.45 -11.37
C ALA A 54 20.05 34.24 -11.54
N PRO A 55 20.65 34.68 -10.42
CA PRO A 55 21.85 35.52 -10.40
C PRO A 55 23.04 34.88 -11.13
N ASP A 56 23.82 35.71 -11.80
CA ASP A 56 25.06 35.27 -12.42
C ASP A 56 26.23 36.00 -11.76
N ASP A 57 26.37 35.81 -10.46
CA ASP A 57 27.39 36.52 -9.70
C ASP A 57 28.67 35.70 -9.54
N GLY A 58 28.85 34.72 -10.42
CA GLY A 58 30.00 33.84 -10.33
C GLY A 58 30.06 33.13 -9.01
N TRP A 59 28.89 32.80 -8.48
CA TRP A 59 28.76 32.17 -7.17
C TRP A 59 29.44 30.80 -7.10
N GLN A 60 29.74 30.22 -8.26
CA GLN A 60 30.29 28.87 -8.35
C GLN A 60 31.65 28.72 -7.68
N LEU A 61 32.34 29.84 -7.48
CA LEU A 61 33.69 29.82 -6.91
C LEU A 61 33.68 29.74 -5.38
N GLY A 62 32.51 29.93 -4.79
CA GLY A 62 32.34 29.74 -3.36
C GLY A 62 32.64 30.90 -2.44
N GLU A 63 33.01 32.07 -2.96
CA GLU A 63 33.30 33.19 -2.07
C GLU A 63 32.62 34.48 -2.55
N ALA A 64 32.31 35.37 -1.60
CA ALA A 64 31.37 36.50 -1.77
C ALA A 64 29.97 36.01 -2.13
N LEU A 65 29.55 34.95 -1.44
CA LEU A 65 28.20 34.42 -1.58
C LEU A 65 27.18 35.38 -1.01
N ASN A 66 26.12 35.67 -1.76
CA ASN A 66 25.08 36.56 -1.31
C ASN A 66 23.73 35.87 -1.18
N GLY A 67 23.30 35.69 0.07
CA GLY A 67 21.99 35.12 0.35
C GLY A 67 21.98 33.62 0.46
N PHE A 68 23.13 33.03 0.75
CA PHE A 68 23.21 31.58 0.93
C PHE A 68 22.97 31.20 2.39
N GLU A 69 22.60 29.94 2.59
CA GLU A 69 22.37 29.42 3.94
C GLU A 69 22.61 27.91 3.93
N SER A 70 22.85 27.35 5.11
CA SER A 70 23.21 25.94 5.20
C SER A 70 22.01 25.02 5.01
N LEU A 71 22.15 24.08 4.09
CA LEU A 71 21.11 23.10 3.79
C LEU A 71 21.71 21.71 3.69
N PRO A 72 21.11 20.72 4.37
CA PRO A 72 21.62 19.34 4.34
C PRO A 72 21.49 18.73 2.95
N VAL A 73 22.50 17.95 2.55
CA VAL A 73 22.47 17.22 1.29
C VAL A 73 22.93 15.80 1.56
N PRO A 74 22.18 14.80 1.06
CA PRO A 74 20.99 14.88 0.20
C PRO A 74 19.73 15.35 0.91
N SER A 75 18.82 15.98 0.16
CA SER A 75 17.55 16.45 0.71
C SER A 75 16.60 16.94 -0.36
N SER A 76 15.32 17.01 -0.02
CA SER A 76 14.32 17.70 -0.83
C SER A 76 14.07 19.06 -0.19
N TRP A 77 14.48 20.12 -0.87
CA TRP A 77 14.49 21.43 -0.21
C TRP A 77 13.13 22.03 0.17
N PRO A 78 12.02 21.61 -0.47
CA PRO A 78 10.75 22.08 0.11
C PRO A 78 10.51 21.56 1.52
N MET A 79 11.09 20.41 1.86
CA MET A 79 10.93 19.83 3.19
C MET A 79 11.68 20.63 4.25
N HIS A 80 12.41 21.66 3.83
CA HIS A 80 13.23 22.43 4.73
C HIS A 80 12.84 23.91 4.74
N GLY A 81 11.58 24.19 4.42
CA GLY A 81 11.08 25.55 4.48
C GLY A 81 11.31 26.35 3.21
N HIS A 82 12.21 25.88 2.36
CA HIS A 82 12.47 26.55 1.10
C HIS A 82 11.37 26.23 0.09
N GLY A 83 10.34 27.07 0.06
CA GLY A 83 9.19 26.81 -0.76
C GLY A 83 8.22 25.88 -0.06
N ALA A 84 7.35 25.24 -0.83
CA ALA A 84 6.38 24.30 -0.28
C ALA A 84 6.14 23.16 -1.26
N PRO A 85 5.83 21.97 -0.73
CA PRO A 85 5.48 20.82 -1.57
C PRO A 85 4.23 21.08 -2.41
N ALA A 86 4.14 20.41 -3.55
CA ALA A 86 2.97 20.52 -4.42
C ALA A 86 2.59 19.15 -4.90
N TYR A 87 1.30 18.89 -5.07
CA TYR A 87 0.88 17.54 -5.45
C TYR A 87 -0.18 17.49 -6.53
N THR A 88 0.11 16.82 -7.64
CA THR A 88 -0.92 16.46 -8.61
C THR A 88 -0.72 15.02 -9.09
N ASN A 89 -1.75 14.46 -9.74
CA ASN A 89 -1.75 13.05 -10.11
C ASN A 89 -1.76 12.78 -11.61
N VAL A 90 -2.90 13.06 -12.22
CA VAL A 90 -3.06 12.82 -13.64
C VAL A 90 -2.60 14.06 -14.34
N GLN A 91 -2.75 15.19 -13.66
CA GLN A 91 -2.49 16.50 -14.23
C GLN A 91 -1.07 16.98 -14.02
N PHE A 92 -0.57 17.72 -15.01
CA PHE A 92 0.68 18.44 -14.90
C PHE A 92 0.48 19.71 -14.11
N PRO A 93 1.54 20.22 -13.47
CA PRO A 93 1.43 21.47 -12.71
C PRO A 93 1.69 22.70 -13.56
N PHE A 94 1.95 22.51 -14.85
CA PHE A 94 2.23 23.62 -15.74
C PHE A 94 1.58 23.40 -17.10
N ALA A 95 1.54 24.46 -17.91
CA ALA A 95 0.96 24.38 -19.24
C ALA A 95 1.70 23.35 -20.08
N VAL A 96 0.96 22.50 -20.76
CA VAL A 96 1.55 21.43 -21.55
C VAL A 96 1.90 21.90 -22.95
N GLU A 97 3.18 22.23 -23.14
CA GLU A 97 3.70 22.60 -24.45
C GLU A 97 5.16 22.20 -24.54
N PRO A 98 5.43 20.89 -24.67
CA PRO A 98 6.81 20.41 -24.71
C PRO A 98 7.62 21.06 -25.82
N PRO A 99 8.87 21.40 -25.55
CA PRO A 99 9.53 21.16 -24.26
C PRO A 99 9.63 22.40 -23.38
N HIS A 100 8.75 23.39 -23.60
CA HIS A 100 8.85 24.65 -22.90
C HIS A 100 8.53 24.52 -21.42
N VAL A 101 9.18 25.34 -20.61
CA VAL A 101 9.02 25.30 -19.16
C VAL A 101 8.39 26.60 -18.66
N PRO A 102 7.70 26.55 -17.51
CA PRO A 102 7.05 27.76 -17.00
C PRO A 102 8.04 28.78 -16.49
N GLU A 103 7.56 30.01 -16.30
CA GLU A 103 8.39 31.09 -15.77
C GLU A 103 8.59 30.93 -14.28
N ALA A 104 7.57 30.43 -13.61
CA ALA A 104 7.66 30.15 -12.18
C ALA A 104 8.37 28.82 -11.96
N ASN A 105 9.68 28.81 -12.19
CA ASN A 105 10.47 27.60 -12.09
C ASN A 105 11.60 27.75 -11.09
N PRO A 106 11.36 27.31 -9.84
CA PRO A 106 12.31 27.42 -8.72
C PRO A 106 13.69 26.88 -9.03
N ILE A 107 14.70 27.75 -8.90
CA ILE A 107 16.09 27.38 -9.13
C ILE A 107 16.87 27.38 -7.82
N GLY A 108 17.40 26.22 -7.45
CA GLY A 108 18.17 26.09 -6.23
C GLY A 108 19.65 25.90 -6.49
N ASP A 109 20.46 26.87 -6.05
CA ASP A 109 21.90 26.80 -6.23
C ASP A 109 22.55 26.07 -5.06
N HIS A 110 23.29 25.00 -5.36
CA HIS A 110 23.94 24.22 -4.31
C HIS A 110 25.45 24.36 -4.38
N LEU A 111 26.07 24.48 -3.22
CA LEU A 111 27.50 24.74 -3.14
C LEU A 111 28.15 24.13 -1.91
N VAL A 112 29.30 23.49 -2.09
CA VAL A 112 30.02 22.89 -0.98
C VAL A 112 31.52 22.85 -1.25
N VAL A 113 32.31 23.09 -0.22
CA VAL A 113 33.76 23.06 -0.33
C VAL A 113 34.34 21.87 0.42
N PHE A 114 35.12 21.07 -0.28
CA PHE A 114 35.72 19.86 0.27
C PHE A 114 37.18 19.78 -0.14
N GLU A 115 38.00 19.10 0.66
CA GLU A 115 39.40 18.92 0.31
C GLU A 115 39.67 17.47 -0.09
N ALA A 116 40.48 17.30 -1.13
CA ALA A 116 40.74 15.98 -1.69
C ALA A 116 42.17 15.51 -1.48
N GLY A 117 42.32 14.37 -0.82
CA GLY A 117 43.63 13.79 -0.58
C GLY A 117 44.28 13.31 -1.88
N PRO A 118 45.54 12.87 -1.79
CA PRO A 118 46.31 12.40 -2.95
C PRO A 118 45.75 11.10 -3.51
N GLU A 119 44.92 10.43 -2.73
CA GLU A 119 44.30 9.17 -3.16
C GLU A 119 43.47 9.35 -4.41
N PHE A 120 42.89 10.54 -4.57
CA PHE A 120 41.99 10.82 -5.68
C PHE A 120 42.72 11.42 -6.87
N PHE A 121 44.02 11.14 -6.95
CA PHE A 121 44.84 11.56 -8.09
C PHE A 121 45.61 10.35 -8.59
N PRO A 122 45.89 10.29 -9.90
CA PRO A 122 45.60 11.29 -10.93
C PRO A 122 44.16 11.26 -11.45
N HIS A 123 43.43 10.17 -11.22
CA HIS A 123 42.10 10.03 -11.79
C HIS A 123 41.01 9.83 -10.75
N ALA A 124 39.89 10.53 -10.92
CA ALA A 124 38.74 10.40 -10.03
C ALA A 124 37.45 10.84 -10.73
N LEU A 125 36.32 10.51 -10.14
CA LEU A 125 35.03 10.92 -10.69
C LEU A 125 34.05 11.38 -9.61
N LEU A 126 33.08 12.20 -10.01
CA LEU A 126 31.99 12.58 -9.12
C LEU A 126 30.72 11.81 -9.49
N ARG A 127 30.07 11.23 -8.47
CA ARG A 127 28.86 10.45 -8.73
C ARG A 127 27.63 11.03 -8.05
N PHE A 128 26.68 11.49 -8.85
CA PHE A 128 25.39 11.92 -8.35
C PHE A 128 24.37 10.81 -8.56
N ASP A 129 23.71 10.41 -7.47
CA ASP A 129 22.76 9.31 -7.58
C ASP A 129 21.34 9.78 -7.83
N GLY A 130 21.11 11.09 -7.80
CA GLY A 130 19.79 11.62 -8.07
C GLY A 130 19.60 13.12 -7.91
N ILE A 131 19.25 13.79 -9.00
CA ILE A 131 18.98 15.23 -8.99
C ILE A 131 17.69 15.51 -9.73
N GLU A 132 16.71 16.08 -9.02
CA GLU A 132 15.39 16.34 -9.58
C GLU A 132 15.16 17.83 -9.83
N SER A 133 14.94 18.21 -11.09
CA SER A 133 14.88 17.27 -12.20
C SER A 133 16.01 17.49 -13.19
N ALA A 134 16.65 18.64 -13.10
CA ALA A 134 17.73 19.00 -14.00
C ALA A 134 18.84 19.70 -13.24
N GLY A 135 20.07 19.28 -13.47
CA GLY A 135 21.20 19.86 -12.76
C GLY A 135 22.38 20.19 -13.64
N THR A 136 23.03 21.30 -13.34
CA THR A 136 24.28 21.66 -13.99
C THR A 136 25.39 21.64 -12.94
N VAL A 137 26.50 20.99 -13.26
CA VAL A 137 27.54 20.77 -12.27
C VAL A 137 28.85 21.47 -12.61
N TRP A 138 29.32 22.32 -11.70
CA TRP A 138 30.61 22.98 -11.83
C TRP A 138 31.58 22.51 -10.74
N LEU A 139 32.82 22.28 -11.11
CA LEU A 139 33.87 21.99 -10.13
C LEU A 139 35.00 22.98 -10.30
N ASN A 140 35.16 23.84 -9.29
CA ASN A 140 36.12 24.93 -9.34
C ASN A 140 35.89 25.82 -10.56
N GLY A 141 34.62 26.18 -10.78
CA GLY A 141 34.28 27.08 -11.85
C GLY A 141 34.37 26.50 -13.25
N VAL A 142 34.47 25.18 -13.34
CA VAL A 142 34.52 24.50 -14.63
C VAL A 142 33.28 23.63 -14.82
N GLU A 143 32.62 23.79 -15.96
CA GLU A 143 31.39 23.04 -16.21
C GLU A 143 31.68 21.60 -16.59
N LEU A 144 31.16 20.67 -15.80
CA LEU A 144 31.36 19.24 -16.04
C LEU A 144 30.32 18.68 -16.98
N GLY A 145 29.07 19.12 -16.82
CA GLY A 145 27.98 18.65 -17.64
C GLY A 145 26.64 18.80 -16.97
N THR A 146 25.60 18.25 -17.58
CA THR A 146 24.24 18.34 -17.05
C THR A 146 23.68 16.96 -16.73
N THR A 147 22.64 16.92 -15.90
CA THR A 147 22.01 15.64 -15.54
C THR A 147 20.53 15.61 -15.92
N ARG A 148 20.14 14.54 -16.61
CA ARG A 148 18.75 14.31 -16.98
C ARG A 148 18.34 12.89 -16.61
N GLY A 149 17.17 12.75 -15.99
CA GLY A 149 16.75 11.49 -15.43
C GLY A 149 16.90 11.57 -13.93
N SER A 150 15.83 12.01 -13.27
CA SER A 150 15.88 12.41 -11.87
C SER A 150 16.20 11.28 -10.92
N ARG A 151 15.81 10.06 -11.27
CA ARG A 151 16.07 8.92 -10.40
C ARG A 151 17.20 8.07 -10.94
N LEU A 152 17.95 8.62 -11.88
CA LEU A 152 19.05 7.90 -12.51
C LEU A 152 20.39 8.50 -12.08
N ALA A 153 21.45 7.69 -12.11
CA ALA A 153 22.75 8.13 -11.64
C ALA A 153 23.64 8.67 -12.76
N HIS A 154 24.28 9.80 -12.51
CA HIS A 154 25.23 10.37 -13.45
C HIS A 154 26.63 10.45 -12.82
N GLU A 155 27.64 10.10 -13.60
CA GLU A 155 29.02 10.18 -13.14
C GLU A 155 29.85 11.08 -14.05
N PHE A 156 30.55 12.03 -13.46
CA PHE A 156 31.40 12.95 -14.22
C PHE A 156 32.88 12.76 -13.90
N ASP A 157 33.73 12.87 -14.91
CA ASP A 157 35.17 12.71 -14.73
C ASP A 157 35.85 14.01 -14.32
N VAL A 158 36.45 14.01 -13.14
CA VAL A 158 37.08 15.21 -12.60
C VAL A 158 38.60 15.20 -12.75
N SER A 159 39.10 14.26 -13.54
CA SER A 159 40.53 14.15 -13.79
C SER A 159 41.05 15.38 -14.51
N GLY A 160 41.97 16.10 -13.87
CA GLY A 160 42.57 17.27 -14.48
C GLY A 160 41.83 18.55 -14.11
N ILE A 161 40.80 18.41 -13.28
CA ILE A 161 40.04 19.56 -12.81
C ILE A 161 40.09 19.63 -11.29
N LEU A 162 40.01 18.46 -10.67
CA LEU A 162 40.15 18.33 -9.23
C LEU A 162 41.57 18.70 -8.81
N GLU A 163 41.69 19.67 -7.90
CA GLU A 163 43.00 20.09 -7.42
C GLU A 163 43.33 19.40 -6.11
N GLN A 164 44.62 19.32 -5.79
CA GLN A 164 45.04 18.75 -4.51
C GLN A 164 44.83 19.79 -3.42
N GLY A 165 44.11 19.40 -2.38
CA GLY A 165 43.73 20.32 -1.34
C GLY A 165 42.26 20.70 -1.49
N GLU A 166 41.95 21.96 -1.21
CA GLU A 166 40.57 22.43 -1.23
C GLU A 166 40.00 22.56 -2.63
N ASN A 167 38.81 22.01 -2.84
CA ASN A 167 38.08 22.15 -4.09
C ASN A 167 36.68 22.70 -3.84
N THR A 168 36.09 23.31 -4.87
CA THR A 168 34.76 23.90 -4.75
C THR A 168 33.78 23.33 -5.78
N LEU A 169 32.75 22.67 -5.28
CA LEU A 169 31.76 22.00 -6.11
C LEU A 169 30.42 22.72 -6.08
N ALA A 170 29.96 23.19 -7.24
CA ALA A 170 28.72 23.94 -7.33
C ALA A 170 27.72 23.28 -8.29
N VAL A 171 26.50 23.07 -7.79
CA VAL A 171 25.45 22.48 -8.60
C VAL A 171 24.24 23.39 -8.66
N ARG A 172 23.81 23.73 -9.88
CA ARG A 172 22.57 24.46 -10.07
C ARG A 172 21.45 23.49 -10.44
N VAL A 173 20.39 23.49 -9.63
CA VAL A 173 19.29 22.56 -9.82
C VAL A 173 17.99 23.29 -10.15
N ALA A 174 17.33 22.85 -11.22
CA ALA A 174 16.03 23.40 -11.61
C ALA A 174 14.94 22.39 -11.34
N GLN A 175 13.83 22.85 -10.76
CA GLN A 175 12.72 21.96 -10.47
C GLN A 175 12.08 21.43 -11.74
N PHE A 176 11.66 22.33 -12.62
CA PHE A 176 11.01 21.91 -13.86
C PHE A 176 11.96 22.01 -15.05
N SER A 177 11.96 20.98 -15.87
CA SER A 177 12.68 20.98 -17.13
C SER A 177 11.86 20.20 -18.14
N ALA A 178 12.37 20.07 -19.36
CA ALA A 178 11.70 19.28 -20.39
C ALA A 178 11.54 17.84 -19.91
N ALA A 179 12.39 17.43 -18.97
CA ALA A 179 12.33 16.09 -18.41
C ALA A 179 11.13 15.92 -17.48
N SER A 180 10.51 17.01 -17.08
CA SER A 180 9.33 16.93 -16.23
C SER A 180 8.16 16.33 -16.99
N TYR A 181 8.19 16.46 -18.32
CA TYR A 181 7.14 15.91 -19.17
C TYR A 181 7.15 14.40 -19.18
N VAL A 182 8.30 13.81 -18.87
CA VAL A 182 8.42 12.35 -18.91
C VAL A 182 8.53 11.77 -17.51
N GLU A 183 8.41 12.63 -16.50
CA GLU A 183 8.37 12.19 -15.11
C GLU A 183 7.11 12.70 -14.43
N ASP A 184 5.96 12.19 -14.86
CA ASP A 184 4.67 12.68 -14.37
C ASP A 184 4.00 11.70 -13.40
N GLN A 185 4.76 11.18 -12.44
CA GLN A 185 4.21 10.19 -11.52
C GLN A 185 3.30 10.78 -10.46
N ASP A 186 2.65 9.89 -9.73
CA ASP A 186 1.73 10.24 -8.67
C ASP A 186 2.48 10.59 -7.40
N MET A 187 2.92 11.84 -7.26
CA MET A 187 3.63 12.23 -6.06
C MET A 187 3.79 13.72 -5.91
N TRP A 188 4.27 14.13 -4.74
CA TRP A 188 4.63 15.50 -4.52
C TRP A 188 5.74 15.86 -5.47
N TRP A 189 5.71 17.06 -6.00
CA TRP A 189 6.80 17.54 -6.83
C TRP A 189 7.86 18.18 -5.93
N LEU A 190 8.89 17.40 -5.62
CA LEU A 190 9.95 17.80 -4.70
C LEU A 190 11.31 17.80 -5.38
N PRO A 191 11.83 18.99 -5.70
CA PRO A 191 13.12 19.09 -6.39
C PRO A 191 14.31 18.94 -5.43
N GLY A 192 15.51 18.91 -5.98
CA GLY A 192 16.72 18.93 -5.18
C GLY A 192 17.63 17.71 -5.31
N ILE A 193 18.84 17.84 -4.76
CA ILE A 193 19.77 16.72 -4.71
C ILE A 193 19.39 15.81 -3.56
N PHE A 194 18.74 14.70 -3.88
CA PHE A 194 18.13 13.86 -2.86
C PHE A 194 18.81 12.51 -2.70
N ARG A 195 19.95 12.35 -3.36
CA ARG A 195 20.72 11.12 -3.20
C ARG A 195 22.21 11.42 -3.14
N ASP A 196 22.97 10.42 -2.71
CA ASP A 196 24.39 10.58 -2.38
C ASP A 196 25.26 11.19 -3.47
N VAL A 197 25.94 12.27 -3.12
CA VAL A 197 27.02 12.80 -3.94
C VAL A 197 28.32 12.18 -3.47
N THR A 198 29.06 11.54 -4.37
CA THR A 198 30.21 10.75 -3.97
C THR A 198 31.43 11.02 -4.84
N LEU A 199 32.60 11.16 -4.20
CA LEU A 199 33.85 11.28 -4.93
C LEU A 199 34.60 9.96 -4.87
N GLN A 200 34.93 9.40 -6.03
CA GLN A 200 35.58 8.11 -6.09
C GLN A 200 36.82 8.15 -6.99
N ALA A 201 37.91 7.59 -6.50
CA ALA A 201 39.15 7.54 -7.27
C ALA A 201 39.12 6.38 -8.25
N ARG A 202 39.62 6.62 -9.46
CA ARG A 202 39.68 5.57 -10.48
C ARG A 202 41.13 5.19 -10.75
N PRO A 203 41.61 4.14 -10.07
CA PRO A 203 42.98 3.66 -10.28
C PRO A 203 43.17 3.08 -11.67
N ALA A 204 44.41 3.05 -12.15
CA ALA A 204 44.70 2.37 -13.40
C ALA A 204 44.57 0.87 -13.16
N ALA A 205 44.30 0.13 -14.22
CA ALA A 205 44.03 -1.30 -14.13
C ALA A 205 42.92 -1.60 -13.12
N GLY A 206 41.90 -0.76 -13.11
CA GLY A 206 40.76 -0.95 -12.25
C GLY A 206 39.58 -1.54 -13.00
N ILE A 207 38.48 -1.79 -12.29
CA ILE A 207 37.28 -2.32 -12.92
C ILE A 207 36.20 -1.27 -12.97
N ASP A 208 35.72 -0.97 -14.17
CA ASP A 208 34.68 0.05 -14.33
C ASP A 208 33.28 -0.53 -14.22
N ASP A 209 33.04 -1.65 -14.90
CA ASP A 209 31.72 -2.29 -14.85
C ASP A 209 31.82 -3.81 -14.81
N VAL A 210 30.93 -4.43 -14.05
CA VAL A 210 30.86 -5.88 -13.94
C VAL A 210 29.48 -6.36 -14.33
N PHE A 211 29.39 -7.38 -15.19
CA PHE A 211 28.11 -8.02 -15.47
C PHE A 211 28.18 -9.46 -14.96
N VAL A 212 27.26 -9.81 -14.06
CA VAL A 212 27.19 -11.16 -13.53
C VAL A 212 26.08 -11.99 -14.19
N HIS A 213 26.40 -13.19 -14.64
CA HIS A 213 25.41 -14.13 -15.16
C HIS A 213 25.35 -15.39 -14.30
N ALA A 214 24.43 -15.42 -13.34
CA ALA A 214 24.29 -16.59 -12.48
C ALA A 214 22.98 -17.31 -12.74
N GLY A 215 23.05 -18.43 -13.45
CA GLY A 215 21.87 -19.20 -13.79
C GLY A 215 21.81 -20.50 -13.04
N TYR A 216 20.63 -21.11 -13.01
CA TYR A 216 20.44 -22.36 -12.30
C TYR A 216 19.77 -23.39 -13.18
N ASP A 217 20.39 -24.57 -13.30
CA ASP A 217 19.78 -25.68 -14.01
C ASP A 217 19.03 -26.51 -13.00
N HIS A 218 17.70 -26.41 -13.03
CA HIS A 218 16.88 -27.05 -12.00
C HIS A 218 16.83 -28.56 -12.22
N ILE A 219 17.20 -28.99 -13.42
CA ILE A 219 17.23 -30.41 -13.73
C ILE A 219 18.47 -31.07 -13.15
N THR A 220 19.63 -30.49 -13.45
CA THR A 220 20.90 -31.08 -13.05
C THR A 220 21.40 -30.52 -11.72
N GLY A 221 20.76 -29.47 -11.23
CA GLY A 221 21.13 -28.87 -9.98
C GLY A 221 22.44 -28.11 -10.07
N GLU A 222 22.81 -27.71 -11.28
CA GLU A 222 24.06 -27.01 -11.52
C GLU A 222 23.87 -25.50 -11.64
N GLY A 223 24.80 -24.75 -11.07
CA GLY A 223 24.84 -23.32 -11.29
C GLY A 223 25.61 -23.04 -12.57
N ILE A 224 25.18 -22.04 -13.32
CA ILE A 224 25.85 -21.65 -14.55
C ILE A 224 26.38 -20.23 -14.41
N LEU A 225 27.68 -20.10 -14.15
CA LEU A 225 28.26 -18.81 -13.82
C LEU A 225 29.22 -18.29 -14.89
N LYS A 226 29.12 -16.99 -15.17
CA LYS A 226 30.02 -16.31 -16.08
C LYS A 226 30.02 -14.82 -15.76
N VAL A 227 31.17 -14.29 -15.39
CA VAL A 227 31.23 -12.90 -14.98
C VAL A 227 32.04 -12.04 -15.95
N GLU A 228 31.36 -11.10 -16.60
CA GLU A 228 32.02 -10.13 -17.46
C GLU A 228 32.54 -8.98 -16.61
N ALA A 229 33.76 -8.54 -16.92
CA ALA A 229 34.32 -7.37 -16.28
C ALA A 229 34.99 -6.51 -17.34
N SER A 230 34.86 -5.20 -17.24
CA SER A 230 35.43 -4.33 -18.27
C SER A 230 35.96 -3.03 -17.70
N ARG A 231 36.86 -2.41 -18.46
CA ARG A 231 37.38 -1.08 -18.12
C ARG A 231 37.40 -0.23 -19.38
N GLY A 232 36.83 0.96 -19.29
CA GLY A 232 36.78 1.87 -20.43
C GLY A 232 35.95 1.31 -21.57
N GLY A 233 35.00 0.43 -21.24
CA GLY A 233 34.10 -0.12 -22.23
C GLY A 233 34.65 -1.34 -22.93
N GLN A 234 35.87 -1.72 -22.58
CA GLN A 234 36.50 -2.90 -23.19
C GLN A 234 36.79 -3.97 -22.14
N ALA A 235 36.66 -5.22 -22.55
CA ALA A 235 36.86 -6.36 -21.64
C ALA A 235 38.28 -6.41 -21.12
N ILE A 236 38.43 -6.79 -19.85
CA ILE A 236 39.75 -6.91 -19.23
C ILE A 236 39.93 -8.27 -18.57
N ASP A 237 41.18 -8.60 -18.25
CA ASP A 237 41.48 -9.81 -17.52
C ASP A 237 41.33 -9.57 -16.04
N ALA A 238 40.47 -10.36 -15.41
CA ALA A 238 40.25 -10.24 -13.97
C ALA A 238 39.97 -11.60 -13.36
N VAL A 239 40.20 -11.71 -12.06
CA VAL A 239 40.04 -12.98 -11.36
C VAL A 239 38.78 -13.00 -10.50
N VAL A 240 37.93 -13.99 -10.74
CA VAL A 240 36.74 -14.15 -9.94
C VAL A 240 36.95 -15.24 -8.89
N ARG A 241 36.70 -14.91 -7.64
CA ARG A 241 36.89 -15.86 -6.55
C ARG A 241 35.62 -16.01 -5.71
N VAL A 242 35.08 -17.22 -5.68
CA VAL A 242 33.93 -17.53 -4.83
C VAL A 242 34.35 -18.54 -3.77
N PRO A 243 34.74 -18.04 -2.58
CA PRO A 243 35.22 -18.84 -1.46
C PRO A 243 34.34 -20.05 -1.13
N GLU A 244 33.05 -19.83 -0.97
CA GLU A 244 32.15 -20.89 -0.50
C GLU A 244 31.98 -22.02 -1.49
N LEU A 245 32.07 -21.71 -2.78
CA LEU A 245 31.97 -22.75 -3.80
C LEU A 245 33.35 -23.27 -4.17
N ALA A 246 34.36 -22.72 -3.49
CA ALA A 246 35.75 -23.14 -3.67
C ALA A 246 36.15 -23.17 -5.14
N LEU A 247 35.99 -22.05 -5.82
CA LEU A 247 36.41 -21.96 -7.20
C LEU A 247 37.08 -20.63 -7.51
N GLU A 248 37.91 -20.65 -8.55
CA GLU A 248 38.66 -19.48 -8.97
C GLU A 248 38.73 -19.49 -10.48
N LEU A 249 38.03 -18.56 -11.11
CA LEU A 249 37.96 -18.52 -12.56
C LEU A 249 38.32 -17.15 -13.11
N ALA A 250 38.64 -17.10 -14.39
CA ALA A 250 38.91 -15.84 -15.04
C ALA A 250 37.62 -15.28 -15.62
N ALA A 251 37.49 -13.95 -15.56
CA ALA A 251 36.32 -13.28 -16.09
C ALA A 251 36.14 -13.56 -17.57
N GLY A 252 34.89 -13.58 -18.03
CA GLY A 252 34.60 -13.76 -19.44
C GLY A 252 34.40 -15.21 -19.84
N THR A 253 34.80 -16.13 -18.98
CA THR A 253 34.61 -17.55 -19.27
C THR A 253 33.40 -18.10 -18.51
N GLU A 254 32.66 -18.98 -19.16
CA GLU A 254 31.45 -19.55 -18.58
C GLU A 254 31.66 -20.96 -18.06
N VAL A 255 31.56 -21.12 -16.75
CA VAL A 255 31.75 -22.41 -16.12
C VAL A 255 30.45 -22.91 -15.49
N ARG A 256 30.36 -24.21 -15.26
CA ARG A 256 29.22 -24.79 -14.60
C ARG A 256 29.60 -25.36 -13.24
N VAL A 257 29.11 -24.72 -12.18
CA VAL A 257 29.32 -25.21 -10.83
C VAL A 257 28.42 -26.41 -10.58
N PRO A 258 29.00 -27.53 -10.11
CA PRO A 258 28.31 -28.82 -9.95
C PRO A 258 27.06 -28.77 -9.08
N ALA A 259 27.16 -28.20 -7.89
CA ALA A 259 26.02 -28.17 -6.98
C ALA A 259 25.89 -26.81 -6.31
N VAL A 260 24.80 -26.11 -6.61
CA VAL A 260 24.56 -24.80 -6.01
C VAL A 260 23.19 -24.77 -5.35
N GLU A 261 23.07 -23.96 -4.30
CA GLU A 261 21.77 -23.70 -3.70
C GLU A 261 21.17 -22.51 -4.41
N PRO A 262 20.00 -22.72 -5.04
CA PRO A 262 19.38 -21.69 -5.88
C PRO A 262 18.75 -20.58 -5.06
N TRP A 263 18.66 -19.39 -5.65
CA TRP A 263 18.10 -18.24 -4.96
C TRP A 263 16.61 -18.12 -5.21
N SER A 264 15.89 -17.64 -4.20
CA SER A 264 14.47 -17.35 -4.32
C SER A 264 14.05 -16.41 -3.21
N ALA A 265 12.83 -15.89 -3.29
CA ALA A 265 12.31 -15.03 -2.25
C ALA A 265 12.10 -15.82 -0.96
N GLU A 266 11.86 -17.12 -1.11
CA GLU A 266 11.64 -17.98 0.04
C GLU A 266 12.98 -18.40 0.66
N VAL A 267 13.98 -18.62 -0.19
CA VAL A 267 15.33 -18.96 0.27
C VAL A 267 16.36 -18.10 -0.44
N PRO A 268 16.69 -16.95 0.13
CA PRO A 268 17.61 -15.98 -0.47
C PRO A 268 19.09 -16.36 -0.31
N LYS A 269 19.47 -17.51 -0.83
CA LYS A 269 20.86 -17.98 -0.74
C LYS A 269 21.79 -17.17 -1.62
N LEU A 270 22.76 -16.49 -0.99
CA LEU A 270 23.74 -15.71 -1.72
C LEU A 270 25.16 -16.22 -1.47
N TYR A 271 25.98 -16.20 -2.51
CA TYR A 271 27.37 -16.61 -2.39
C TYR A 271 28.29 -15.40 -2.49
N GLU A 272 29.18 -15.26 -1.51
CA GLU A 272 30.17 -14.18 -1.52
C GLU A 272 31.18 -14.40 -2.64
N ALA A 273 31.47 -13.34 -3.38
CA ALA A 273 32.40 -13.41 -4.50
C ALA A 273 33.09 -12.07 -4.71
N ALA A 274 34.31 -12.12 -5.24
CA ALA A 274 35.06 -10.91 -5.52
C ALA A 274 35.70 -10.97 -6.90
N VAL A 275 35.61 -9.87 -7.64
CA VAL A 275 36.26 -9.76 -8.94
C VAL A 275 37.49 -8.90 -8.77
N SER A 276 38.67 -9.50 -8.96
CA SER A 276 39.91 -8.80 -8.70
C SER A 276 40.69 -8.47 -9.96
N ALA A 277 41.08 -7.21 -10.08
CA ALA A 277 42.05 -6.79 -11.08
C ALA A 277 43.26 -6.23 -10.34
N ALA A 278 44.21 -5.66 -11.07
CA ALA A 278 45.40 -5.11 -10.45
C ALA A 278 45.06 -3.92 -9.56
N GLY A 279 44.36 -2.94 -10.13
CA GLY A 279 44.10 -1.68 -9.44
C GLY A 279 43.09 -1.73 -8.32
N GLU A 280 42.04 -2.52 -8.49
CA GLU A 280 41.01 -2.62 -7.47
C GLU A 280 40.31 -3.97 -7.53
N SER A 281 39.50 -4.25 -6.51
CA SER A 281 38.66 -5.44 -6.50
C SER A 281 37.23 -5.07 -6.15
N VAL A 282 36.27 -5.83 -6.70
CA VAL A 282 34.85 -5.53 -6.51
C VAL A 282 34.17 -6.63 -5.72
N ALA A 283 33.34 -6.24 -4.75
CA ALA A 283 32.65 -7.21 -3.91
C ALA A 283 31.22 -7.44 -4.38
N LEU A 284 30.89 -8.70 -4.65
CA LEU A 284 29.58 -9.04 -5.19
C LEU A 284 28.88 -10.12 -4.38
N GLN A 285 27.56 -10.06 -4.38
CA GLN A 285 26.74 -11.14 -3.84
C GLN A 285 26.03 -11.82 -4.99
N ILE A 286 26.28 -13.11 -5.16
CA ILE A 286 25.78 -13.84 -6.31
C ILE A 286 24.66 -14.79 -5.91
N GLY A 287 23.54 -14.68 -6.63
CA GLY A 287 22.41 -15.56 -6.43
C GLY A 287 22.07 -16.28 -7.71
N PHE A 288 22.09 -17.60 -7.67
CA PHE A 288 21.81 -18.41 -8.85
C PHE A 288 20.32 -18.58 -9.10
N ARG A 289 19.84 -17.95 -10.17
CA ARG A 289 18.44 -18.04 -10.55
C ARG A 289 18.29 -18.03 -12.07
N SER A 290 17.21 -18.64 -12.54
CA SER A 290 16.89 -18.63 -13.96
C SER A 290 15.42 -18.34 -14.18
N ILE A 291 15.12 -17.39 -15.04
CA ILE A 291 13.74 -17.00 -15.32
C ILE A 291 13.32 -17.47 -16.70
N ALA A 292 12.18 -18.15 -16.76
CA ALA A 292 11.66 -18.63 -18.02
C ALA A 292 10.16 -18.41 -18.13
N ILE A 293 9.71 -18.10 -19.33
CA ILE A 293 8.29 -18.01 -19.61
C ILE A 293 7.92 -19.19 -20.48
N GLU A 294 7.11 -20.09 -19.94
CA GLU A 294 6.88 -21.40 -20.54
C GLU A 294 5.46 -21.89 -20.26
N ASP A 295 4.76 -22.29 -21.31
CA ASP A 295 3.38 -22.76 -21.22
C ASP A 295 2.49 -21.73 -20.53
N ALA A 296 2.63 -20.47 -20.96
CA ALA A 296 1.85 -19.35 -20.43
C ALA A 296 2.05 -19.15 -18.93
N GLN A 297 3.20 -19.56 -18.43
CA GLN A 297 3.50 -19.39 -17.01
C GLN A 297 4.84 -18.71 -16.79
N PHE A 298 4.89 -17.85 -15.78
CA PHE A 298 6.12 -17.18 -15.39
C PHE A 298 6.86 -18.08 -14.41
N LYS A 299 7.98 -18.65 -14.84
CA LYS A 299 8.66 -19.64 -14.03
C LYS A 299 10.03 -19.16 -13.56
N VAL A 300 10.35 -19.45 -12.30
CA VAL A 300 11.67 -19.21 -11.76
C VAL A 300 12.24 -20.51 -11.25
N ASN A 301 13.40 -20.89 -11.76
CA ASN A 301 14.08 -22.12 -11.37
C ASN A 301 13.19 -23.33 -11.54
N GLY A 302 12.42 -23.34 -12.63
CA GLY A 302 11.66 -24.51 -13.02
C GLY A 302 10.23 -24.55 -12.55
N ARG A 303 9.89 -23.71 -11.59
CA ARG A 303 8.56 -23.75 -10.98
C ARG A 303 7.82 -22.44 -11.10
N ARG A 304 6.50 -22.52 -11.29
CA ARG A 304 5.66 -21.34 -11.32
C ARG A 304 5.60 -20.69 -9.94
N ILE A 305 5.82 -19.38 -9.90
CA ILE A 305 5.80 -18.67 -8.63
C ILE A 305 4.58 -17.77 -8.52
N LEU A 306 4.25 -17.36 -7.31
CA LEU A 306 3.13 -16.46 -7.08
C LEU A 306 3.59 -15.14 -6.48
N LEU A 307 3.42 -14.07 -7.24
CA LEU A 307 3.82 -12.76 -6.79
C LEU A 307 2.82 -12.17 -5.79
N ARG A 308 3.22 -12.12 -4.53
CA ARG A 308 2.44 -11.46 -3.51
C ARG A 308 3.09 -10.11 -3.22
N GLY A 309 2.71 -9.08 -3.96
CA GLY A 309 3.50 -7.86 -3.95
C GLY A 309 2.82 -6.54 -3.68
N VAL A 310 3.64 -5.50 -3.55
CA VAL A 310 3.17 -4.15 -3.34
C VAL A 310 3.92 -3.17 -4.24
N ASN A 311 3.39 -1.97 -4.38
CA ASN A 311 4.05 -0.90 -5.10
C ASN A 311 4.76 0.05 -4.15
N ARG A 312 6.08 0.11 -4.24
CA ARG A 312 6.84 0.92 -3.30
C ARG A 312 7.35 2.21 -3.90
N HIS A 313 6.77 3.32 -3.49
CA HIS A 313 7.32 4.63 -3.76
C HIS A 313 8.42 4.89 -2.74
N GLU A 314 9.26 5.89 -3.01
CA GLU A 314 10.24 6.31 -2.02
C GLU A 314 9.78 7.62 -1.41
N HIS A 315 9.34 7.57 -0.16
CA HIS A 315 8.81 8.73 0.52
C HIS A 315 9.09 8.71 2.02
N HIS A 316 9.25 9.89 2.60
CA HIS A 316 9.39 10.05 4.03
C HIS A 316 8.50 11.21 4.46
N PRO A 317 7.90 11.10 5.66
CA PRO A 317 6.99 12.17 6.12
C PRO A 317 7.67 13.48 6.47
N ARG A 318 8.99 13.49 6.63
CA ARG A 318 9.69 14.72 7.01
C ARG A 318 10.79 15.06 6.02
N LEU A 319 11.65 14.10 5.72
CA LEU A 319 12.55 14.22 4.59
C LEU A 319 11.72 13.91 3.36
N GLY A 320 12.12 14.42 2.20
CA GLY A 320 11.31 14.25 1.00
C GLY A 320 11.51 12.91 0.33
N ARG A 321 12.30 12.91 -0.74
CA ARG A 321 12.65 11.69 -1.44
C ARG A 321 13.71 10.92 -0.67
N VAL A 322 14.20 11.53 0.40
CA VAL A 322 15.24 10.92 1.19
C VAL A 322 14.68 9.91 2.18
N VAL A 323 14.98 8.65 1.94
CA VAL A 323 14.58 7.57 2.82
C VAL A 323 15.82 6.99 3.48
N PRO A 324 16.01 7.27 4.79
CA PRO A 324 17.17 6.82 5.56
C PRO A 324 17.31 5.30 5.55
N ARG A 325 18.54 4.80 5.54
CA ARG A 325 18.77 3.37 5.39
C ARG A 325 18.09 2.53 6.47
N ASP A 326 18.10 3.04 7.71
CA ASP A 326 17.46 2.32 8.80
C ASP A 326 15.95 2.23 8.57
N VAL A 327 15.40 3.22 7.87
CA VAL A 327 13.98 3.23 7.55
C VAL A 327 13.67 2.23 6.44
N VAL A 328 14.58 2.08 5.49
CA VAL A 328 14.42 1.10 4.43
C VAL A 328 14.47 -0.33 4.95
N GLU A 329 15.46 -0.61 5.79
CA GLU A 329 15.58 -1.92 6.41
C GLU A 329 14.31 -2.24 7.18
N ALA A 330 13.79 -1.23 7.88
CA ALA A 330 12.61 -1.39 8.71
C ALA A 330 11.38 -1.81 7.91
N GLU A 331 11.09 -1.11 6.81
CA GLU A 331 9.89 -1.39 6.05
C GLU A 331 9.99 -2.73 5.32
N LEU A 332 11.18 -3.07 4.83
CA LEU A 332 11.38 -4.34 4.15
C LEU A 332 11.16 -5.51 5.11
N ARG A 333 11.60 -5.34 6.34
CA ARG A 333 11.37 -6.35 7.36
C ARG A 333 9.88 -6.43 7.68
N LEU A 334 9.21 -5.29 7.65
CA LEU A 334 7.78 -5.24 7.93
C LEU A 334 7.00 -5.96 6.84
N MET A 335 7.43 -5.81 5.59
CA MET A 335 6.79 -6.48 4.47
C MET A 335 6.91 -7.99 4.60
N LYS A 336 8.11 -8.45 4.95
CA LYS A 336 8.34 -9.88 5.13
C LYS A 336 7.50 -10.42 6.28
N GLN A 337 7.30 -9.59 7.30
CA GLN A 337 6.51 -9.98 8.44
C GLN A 337 5.04 -10.13 8.08
N HIS A 338 4.65 -9.59 6.93
CA HIS A 338 3.26 -9.65 6.49
C HIS A 338 3.09 -10.44 5.19
N ASN A 339 4.01 -11.39 4.96
CA ASN A 339 3.92 -12.37 3.88
C ASN A 339 4.11 -11.81 2.47
N ILE A 340 4.69 -10.62 2.36
CA ILE A 340 4.96 -10.02 1.07
C ILE A 340 6.25 -10.55 0.48
N ASN A 341 6.22 -10.98 -0.79
CA ASN A 341 7.42 -11.52 -1.42
C ASN A 341 7.84 -10.82 -2.72
N ALA A 342 7.10 -9.81 -3.11
CA ALA A 342 7.40 -9.09 -4.34
C ALA A 342 7.27 -7.59 -4.19
N ILE A 343 8.08 -6.84 -4.93
CA ILE A 343 8.03 -5.38 -4.90
C ILE A 343 8.13 -4.80 -6.32
N ARG A 344 7.29 -3.81 -6.61
CA ARG A 344 7.42 -3.07 -7.86
C ARG A 344 7.88 -1.66 -7.57
N THR A 345 9.09 -1.32 -8.01
CA THR A 345 9.64 0.01 -7.77
C THR A 345 8.91 1.04 -8.61
N SER A 346 7.81 1.55 -8.08
CA SER A 346 6.96 2.48 -8.80
C SER A 346 7.30 3.93 -8.47
N HIS A 347 7.51 4.76 -9.50
CA HIS A 347 7.60 4.33 -10.89
C HIS A 347 8.96 4.76 -11.42
N TYR A 348 10.02 4.30 -10.75
CA TYR A 348 11.38 4.69 -11.05
C TYR A 348 12.34 3.80 -10.30
N PRO A 349 13.60 3.75 -10.73
CA PRO A 349 14.59 3.01 -9.94
C PRO A 349 14.70 3.57 -8.53
N PRO A 350 14.86 2.70 -7.53
CA PRO A 350 15.01 3.13 -6.14
C PRO A 350 16.44 3.52 -5.81
N HIS A 351 16.69 3.83 -4.54
CA HIS A 351 18.04 4.10 -4.07
C HIS A 351 18.91 2.88 -4.37
N PRO A 352 20.15 3.12 -4.84
CA PRO A 352 21.06 2.03 -5.18
C PRO A 352 21.23 1.01 -4.07
N GLN A 353 21.14 1.45 -2.82
CA GLN A 353 21.35 0.55 -1.68
C GLN A 353 20.18 -0.39 -1.45
N PHE A 354 19.05 -0.11 -2.11
CA PHE A 354 17.85 -0.92 -1.95
C PHE A 354 18.04 -2.31 -2.53
N LEU A 355 18.69 -2.38 -3.68
CA LEU A 355 18.83 -3.63 -4.43
C LEU A 355 19.50 -4.73 -3.61
N ALA A 356 20.51 -4.34 -2.84
CA ALA A 356 21.25 -5.30 -2.01
C ALA A 356 20.32 -5.94 -0.99
N LEU A 357 19.53 -5.11 -0.31
CA LEU A 357 18.63 -5.59 0.73
C LEU A 357 17.56 -6.53 0.18
N ALA A 358 17.12 -6.27 -1.05
CA ALA A 358 16.13 -7.13 -1.69
C ALA A 358 16.73 -8.48 -2.04
N ASP A 359 18.05 -8.52 -2.23
CA ASP A 359 18.74 -9.78 -2.44
C ASP A 359 18.80 -10.58 -1.15
N GLN A 360 19.11 -9.88 -0.06
CA GLN A 360 19.38 -10.52 1.24
C GLN A 360 18.12 -11.05 1.89
N LEU A 361 17.14 -10.18 2.15
CA LEU A 361 15.81 -10.65 2.50
C LEU A 361 15.11 -10.95 1.19
N GLY A 362 14.46 -12.10 1.09
CA GLY A 362 13.93 -12.53 -0.19
C GLY A 362 12.79 -11.71 -0.77
N PHE A 363 13.05 -11.04 -1.89
CA PHE A 363 12.01 -10.33 -2.63
C PHE A 363 12.16 -10.50 -4.14
N TYR A 364 11.05 -10.77 -4.82
CA TYR A 364 11.02 -10.68 -6.27
C TYR A 364 10.79 -9.24 -6.68
N VAL A 365 11.77 -8.63 -7.36
CA VAL A 365 11.67 -7.19 -7.62
C VAL A 365 11.45 -6.86 -9.09
N VAL A 366 10.41 -6.07 -9.35
CA VAL A 366 10.17 -5.51 -10.67
C VAL A 366 10.78 -4.12 -10.74
N LEU A 367 11.88 -3.98 -11.46
CA LEU A 367 12.57 -2.70 -11.51
C LEU A 367 12.06 -1.86 -12.68
N GLU A 368 11.45 -0.74 -12.36
CA GLU A 368 10.79 0.08 -13.36
C GLU A 368 11.62 1.30 -13.72
N CYS A 369 11.75 1.55 -15.02
CA CYS A 369 12.46 2.71 -15.53
C CYS A 369 11.73 3.99 -15.17
N ASP A 370 12.47 5.10 -15.10
CA ASP A 370 11.90 6.37 -14.71
C ASP A 370 11.25 7.08 -15.89
N LEU A 371 10.01 6.70 -16.19
CA LEU A 371 9.30 7.25 -17.34
C LEU A 371 7.78 7.17 -17.18
N GLU A 372 7.12 8.33 -17.21
CA GLU A 372 5.68 8.40 -17.19
C GLU A 372 5.19 9.66 -17.87
N THR A 373 4.43 9.50 -18.96
CA THR A 373 3.90 10.63 -19.69
C THR A 373 2.37 10.67 -19.58
N HIS A 374 1.88 10.48 -18.37
CA HIS A 374 0.45 10.30 -18.12
C HIS A 374 -0.39 11.54 -18.35
N GLY A 375 0.26 12.71 -18.32
CA GLY A 375 -0.46 13.96 -18.46
C GLY A 375 -0.94 14.26 -19.88
N PHE A 376 -0.44 13.49 -20.84
CA PHE A 376 -0.85 13.68 -22.24
C PHE A 376 -2.10 12.89 -22.57
N GLU A 377 -2.53 12.03 -21.66
CA GLU A 377 -3.75 11.25 -21.86
C GLU A 377 -4.95 12.16 -22.00
N SER A 378 -4.91 13.29 -21.30
CA SER A 378 -5.98 14.27 -21.30
C SER A 378 -6.37 14.68 -22.72
N ALA A 379 -5.38 14.79 -23.60
CA ALA A 379 -5.62 15.27 -24.96
C ALA A 379 -5.48 14.15 -25.99
N GLY A 380 -5.78 12.93 -25.60
CA GLY A 380 -5.70 11.80 -26.51
C GLY A 380 -4.28 11.52 -26.95
N TRP A 381 -3.34 11.70 -26.02
CA TRP A 381 -1.93 11.43 -26.26
C TRP A 381 -1.36 12.20 -27.44
N ALA A 382 -1.88 13.40 -27.67
CA ALA A 382 -1.28 14.31 -28.65
C ALA A 382 0.01 14.87 -28.05
N GLN A 383 1.04 14.97 -28.88
CA GLN A 383 2.36 15.44 -28.44
C GLN A 383 3.01 14.51 -27.41
N ASN A 384 2.61 13.24 -27.41
CA ASN A 384 3.17 12.25 -26.50
C ASN A 384 4.64 11.97 -26.82
N PRO A 385 5.52 12.11 -25.82
CA PRO A 385 6.96 11.85 -26.04
C PRO A 385 7.26 10.41 -26.44
N SER A 386 6.43 9.47 -26.00
CA SER A 386 6.68 8.06 -26.28
C SER A 386 6.69 7.76 -27.78
N ASP A 387 6.05 8.63 -28.56
CA ASP A 387 5.92 8.40 -29.99
C ASP A 387 6.65 9.48 -30.79
N ASP A 388 7.16 10.48 -30.09
CA ASP A 388 7.90 11.58 -30.72
C ASP A 388 9.37 11.18 -30.89
N PRO A 389 9.86 11.18 -32.14
CA PRO A 389 11.25 10.77 -32.38
C PRO A 389 12.27 11.76 -31.82
N GLN A 390 11.83 12.96 -31.49
CA GLN A 390 12.72 13.93 -30.87
C GLN A 390 13.20 13.45 -29.50
N TRP A 391 12.42 12.55 -28.90
CA TRP A 391 12.69 12.10 -27.55
C TRP A 391 13.41 10.76 -27.47
N GLU A 392 13.75 10.19 -28.63
CA GLU A 392 14.27 8.82 -28.66
C GLU A 392 15.56 8.64 -27.85
N ASP A 393 16.56 9.48 -28.12
CA ASP A 393 17.83 9.37 -27.41
C ASP A 393 17.64 9.56 -25.91
N ALA A 394 16.80 10.52 -25.56
CA ALA A 394 16.54 10.83 -24.16
C ALA A 394 15.89 9.66 -23.43
N LEU A 395 14.97 8.98 -24.11
CA LEU A 395 14.26 7.88 -23.49
C LEU A 395 15.10 6.61 -23.44
N VAL A 396 15.90 6.37 -24.47
CA VAL A 396 16.79 5.22 -24.49
C VAL A 396 17.86 5.39 -23.42
N ASP A 397 18.26 6.63 -23.18
CA ASP A 397 19.25 6.90 -22.14
C ASP A 397 18.69 6.52 -20.77
N ARG A 398 17.40 6.76 -20.59
CA ARG A 398 16.74 6.42 -19.33
C ARG A 398 16.70 4.92 -19.08
N MET A 399 16.49 4.15 -20.15
CA MET A 399 16.40 2.71 -20.02
C MET A 399 17.78 2.13 -19.78
N ARG A 400 18.76 2.62 -20.54
CA ARG A 400 20.12 2.15 -20.40
C ARG A 400 20.64 2.36 -18.99
N ARG A 401 20.53 3.59 -18.50
CA ARG A 401 21.00 3.92 -17.16
C ARG A 401 20.32 3.07 -16.08
N THR A 402 19.07 2.71 -16.33
CA THR A 402 18.30 1.92 -15.37
C THR A 402 18.80 0.48 -15.32
N VAL A 403 18.87 -0.14 -16.48
CA VAL A 403 19.34 -1.52 -16.61
C VAL A 403 20.77 -1.67 -16.13
N GLU A 404 21.64 -0.76 -16.57
CA GLU A 404 23.06 -0.84 -16.27
C GLU A 404 23.33 -0.83 -14.77
N ARG A 405 22.59 -0.03 -14.02
CA ARG A 405 22.87 0.12 -12.59
C ARG A 405 22.60 -1.12 -11.77
N ASP A 406 21.56 -1.87 -12.11
CA ASP A 406 21.10 -2.93 -11.23
C ASP A 406 21.02 -4.30 -11.88
N LYS A 407 21.84 -4.51 -12.90
CA LYS A 407 21.80 -5.76 -13.65
C LYS A 407 22.32 -6.95 -12.86
N ASN A 408 23.16 -6.69 -11.86
CA ASN A 408 23.86 -7.77 -11.17
C ASN A 408 23.06 -8.46 -10.08
N HIS A 409 21.90 -7.90 -9.72
CA HIS A 409 21.14 -8.42 -8.60
C HIS A 409 20.13 -9.48 -8.99
N ALA A 410 20.03 -10.51 -8.16
CA ALA A 410 19.14 -11.64 -8.42
C ALA A 410 17.69 -11.27 -8.18
N SER A 411 17.45 -10.31 -7.30
CA SER A 411 16.08 -9.95 -6.95
C SER A 411 15.33 -9.38 -8.15
N VAL A 412 16.03 -8.63 -9.00
CA VAL A 412 15.40 -8.07 -10.19
C VAL A 412 15.04 -9.18 -11.15
N VAL A 413 13.75 -9.48 -11.27
CA VAL A 413 13.30 -10.56 -12.13
C VAL A 413 12.60 -10.05 -13.38
N MET A 414 12.47 -8.72 -13.47
CA MET A 414 11.82 -8.10 -14.62
C MET A 414 12.21 -6.64 -14.78
N TRP A 415 12.48 -6.24 -16.01
CA TRP A 415 12.63 -4.82 -16.32
C TRP A 415 11.28 -4.27 -16.76
N SER A 416 10.95 -3.07 -16.29
CA SER A 416 9.70 -2.45 -16.67
C SER A 416 9.97 -1.10 -17.36
N LEU A 417 9.37 -0.91 -18.51
CA LEU A 417 9.66 0.26 -19.36
C LEU A 417 9.14 1.56 -18.77
N GLY A 418 8.27 1.47 -17.77
CA GLY A 418 7.71 2.65 -17.15
C GLY A 418 6.24 2.47 -16.84
N ASN A 419 5.56 3.56 -16.52
CA ASN A 419 4.15 3.52 -16.18
C ASN A 419 3.33 4.54 -16.96
N GLU A 420 2.25 4.08 -17.55
CA GLU A 420 1.28 4.95 -18.23
C GLU A 420 1.92 5.99 -19.15
N ALA A 421 2.74 5.52 -20.09
CA ALA A 421 3.39 6.41 -21.03
C ALA A 421 2.72 6.33 -22.39
N GLY A 422 1.64 5.56 -22.47
CA GLY A 422 0.92 5.39 -23.72
C GLY A 422 1.61 4.39 -24.61
N THR A 423 1.52 4.60 -25.92
CA THR A 423 2.24 3.78 -26.88
C THR A 423 3.06 4.66 -27.82
N GLY A 424 4.17 4.13 -28.33
CA GLY A 424 4.99 4.88 -29.25
C GLY A 424 6.22 4.15 -29.75
N ARG A 425 6.95 4.80 -30.66
CA ARG A 425 8.15 4.24 -31.26
C ARG A 425 9.24 4.06 -30.22
N ASN A 426 9.41 5.07 -29.38
CA ASN A 426 10.48 5.10 -28.40
C ASN A 426 10.38 3.95 -27.40
N LEU A 427 9.15 3.59 -27.04
CA LEU A 427 8.94 2.46 -26.15
C LEU A 427 9.46 1.18 -26.81
N ALA A 428 9.26 1.07 -28.11
CA ALA A 428 9.74 -0.07 -28.86
C ALA A 428 11.26 -0.05 -28.93
N ALA A 429 11.83 1.15 -29.02
CA ALA A 429 13.28 1.32 -29.03
C ALA A 429 13.87 0.90 -27.68
N MET A 430 13.16 1.24 -26.60
CA MET A 430 13.61 0.92 -25.26
C MET A 430 13.60 -0.58 -24.99
N SER A 431 12.58 -1.25 -25.49
CA SER A 431 12.46 -2.69 -25.31
C SER A 431 13.53 -3.40 -26.12
N ARG A 432 13.68 -2.98 -27.37
CA ARG A 432 14.63 -3.60 -28.30
C ARG A 432 16.03 -3.59 -27.73
N TRP A 433 16.40 -2.47 -27.12
CA TRP A 433 17.72 -2.33 -26.53
C TRP A 433 17.88 -3.29 -25.36
N THR A 434 16.85 -3.37 -24.54
CA THR A 434 16.91 -4.15 -23.31
C THR A 434 16.96 -5.65 -23.59
N LYS A 435 16.26 -6.10 -24.62
CA LYS A 435 16.30 -7.52 -24.98
C LYS A 435 17.68 -7.90 -25.50
N ASP A 436 18.36 -6.94 -26.12
CA ASP A 436 19.68 -7.17 -26.68
C ASP A 436 20.74 -7.25 -25.58
N ARG A 437 20.64 -6.37 -24.60
CA ARG A 437 21.63 -6.28 -23.54
C ARG A 437 21.48 -7.38 -22.50
N ASP A 438 20.24 -7.59 -22.05
CA ASP A 438 19.98 -8.53 -20.95
C ASP A 438 18.77 -9.41 -21.23
N PRO A 439 19.00 -10.54 -21.89
CA PRO A 439 17.93 -11.50 -22.19
C PRO A 439 17.51 -12.32 -20.98
N SER A 440 18.25 -12.20 -19.88
CA SER A 440 17.99 -13.02 -18.70
C SER A 440 16.68 -12.67 -18.03
N ARG A 441 16.13 -11.52 -18.34
CA ARG A 441 14.91 -11.03 -17.70
C ARG A 441 13.84 -10.59 -18.70
N PRO A 442 12.58 -10.96 -18.42
CA PRO A 442 11.43 -10.57 -19.23
C PRO A 442 11.14 -9.09 -19.12
N ILE A 443 10.34 -8.54 -20.03
CA ILE A 443 10.06 -7.11 -20.01
C ILE A 443 8.60 -6.80 -19.75
N HIS A 444 8.37 -5.79 -18.91
CA HIS A 444 7.03 -5.43 -18.47
C HIS A 444 6.64 -4.03 -18.91
N TYR A 445 5.46 -3.89 -19.49
CA TYR A 445 4.85 -2.57 -19.71
C TYR A 445 3.35 -2.70 -19.81
N GLU A 446 2.64 -1.80 -19.14
CA GLU A 446 1.19 -1.89 -19.05
C GLU A 446 0.47 -1.09 -20.13
N GLY A 447 1.02 0.06 -20.50
CA GLY A 447 0.38 0.99 -21.40
C GLY A 447 -0.12 0.42 -22.72
N ASP A 448 0.70 -0.41 -23.37
CA ASP A 448 0.33 -0.99 -24.65
C ASP A 448 -0.28 -2.37 -24.49
N TRP A 449 -1.61 -2.40 -24.41
CA TRP A 449 -2.34 -3.64 -24.17
C TRP A 449 -2.13 -4.69 -25.25
N SER A 450 -1.68 -4.26 -26.42
CA SER A 450 -1.38 -5.20 -27.49
C SER A 450 -0.21 -6.08 -27.10
N SER A 451 0.60 -5.59 -26.17
CA SER A 451 1.75 -6.31 -25.63
C SER A 451 2.70 -6.73 -26.74
N GLU A 452 2.98 -5.81 -27.66
CA GLU A 452 3.81 -6.11 -28.82
C GLU A 452 5.28 -6.19 -28.44
N HIS A 453 5.71 -5.33 -27.53
CA HIS A 453 7.12 -5.21 -27.21
C HIS A 453 7.47 -5.67 -25.81
N VAL A 454 6.69 -6.59 -25.26
CA VAL A 454 6.93 -7.08 -23.91
C VAL A 454 6.83 -8.59 -23.84
N ASP A 455 7.07 -9.14 -22.67
CA ASP A 455 7.12 -10.58 -22.49
C ASP A 455 5.97 -11.11 -21.64
N VAL A 456 5.33 -10.20 -20.90
CA VAL A 456 4.17 -10.58 -20.09
C VAL A 456 2.99 -9.67 -20.38
N TYR A 457 1.79 -10.22 -20.26
CA TYR A 457 0.57 -9.44 -20.37
C TYR A 457 0.30 -8.79 -19.01
N SER A 458 0.24 -7.46 -18.99
CA SER A 458 0.08 -6.74 -17.73
C SER A 458 -1.05 -5.72 -17.79
N ARG A 459 -1.89 -5.73 -16.75
CA ARG A 459 -2.99 -4.79 -16.62
C ARG A 459 -3.03 -4.22 -15.20
N MET A 460 -3.74 -3.11 -15.05
CA MET A 460 -3.94 -2.54 -13.72
C MET A 460 -5.42 -2.34 -13.41
N TYR A 461 -5.82 -2.77 -12.22
CA TYR A 461 -7.18 -2.59 -11.71
C TYR A 461 -8.23 -3.27 -12.57
N ALA A 462 -7.86 -4.35 -13.24
CA ALA A 462 -8.84 -5.15 -13.95
C ALA A 462 -9.77 -5.83 -12.94
N SER A 463 -11.03 -6.03 -13.33
CA SER A 463 -12.02 -6.59 -12.41
C SER A 463 -11.73 -8.05 -12.10
N GLN A 464 -12.27 -8.54 -10.99
CA GLN A 464 -12.15 -9.95 -10.63
C GLN A 464 -12.69 -10.82 -11.76
N ALA A 465 -13.80 -10.41 -12.33
CA ALA A 465 -14.43 -11.15 -13.41
C ALA A 465 -13.49 -11.25 -14.60
N GLU A 466 -12.97 -10.10 -15.03
CA GLU A 466 -12.09 -10.04 -16.19
C GLU A 466 -10.86 -10.91 -16.00
N THR A 467 -10.30 -10.85 -14.80
CA THR A 467 -9.14 -11.66 -14.45
C THR A 467 -9.47 -13.15 -14.57
N ALA A 468 -10.66 -13.52 -14.15
CA ALA A 468 -11.10 -14.91 -14.22
C ALA A 468 -11.11 -15.40 -15.66
N LEU A 469 -11.48 -14.51 -16.58
CA LEU A 469 -11.48 -14.83 -17.99
C LEU A 469 -10.07 -15.03 -18.50
N ILE A 470 -9.20 -14.08 -18.17
CA ILE A 470 -7.81 -14.11 -18.61
C ILE A 470 -7.12 -15.37 -18.08
N GLY A 471 -7.42 -15.73 -16.83
CA GLY A 471 -6.84 -16.91 -16.23
C GLY A 471 -7.16 -18.19 -16.99
N GLN A 472 -8.32 -18.22 -17.62
CA GLN A 472 -8.76 -19.40 -18.35
C GLN A 472 -8.37 -19.32 -19.82
N GLY A 473 -7.76 -18.19 -20.19
CA GLY A 473 -7.28 -18.00 -21.55
C GLY A 473 -8.40 -17.78 -22.55
N ILE A 474 -9.56 -17.35 -22.06
CA ILE A 474 -10.72 -17.15 -22.91
C ILE A 474 -11.10 -15.68 -23.05
N GLU A 475 -10.14 -14.80 -22.79
CA GLU A 475 -10.38 -13.36 -22.96
C GLU A 475 -10.61 -13.05 -24.44
N PRO A 476 -11.35 -11.97 -24.73
CA PRO A 476 -11.60 -11.59 -26.12
C PRO A 476 -10.33 -11.28 -26.89
N ALA A 477 -10.23 -11.81 -28.11
CA ALA A 477 -9.00 -11.72 -28.90
C ALA A 477 -8.71 -10.31 -29.40
N LEU A 478 -7.49 -10.11 -29.86
CA LEU A 478 -7.08 -8.85 -30.46
C LEU A 478 -7.45 -8.81 -31.94
N ASN A 479 -7.55 -7.62 -32.50
CA ASN A 479 -7.80 -7.47 -33.92
C ASN A 479 -6.73 -8.19 -34.74
N ASP A 480 -5.48 -8.04 -34.31
CA ASP A 480 -4.36 -8.69 -34.97
C ASP A 480 -4.27 -10.14 -34.55
N ALA A 481 -4.46 -11.04 -35.52
CA ALA A 481 -4.41 -12.48 -35.26
C ALA A 481 -3.03 -12.90 -34.76
N ALA A 482 -1.99 -12.34 -35.34
CA ALA A 482 -0.62 -12.69 -34.97
C ALA A 482 -0.30 -12.25 -33.55
N LEU A 483 -0.63 -11.00 -33.23
CA LEU A 483 -0.38 -10.45 -31.91
C LEU A 483 -1.18 -11.17 -30.83
N ASP A 484 -2.42 -11.52 -31.15
CA ASP A 484 -3.27 -12.21 -30.19
C ASP A 484 -2.70 -13.59 -29.86
N ALA A 485 -2.11 -14.23 -30.86
CA ALA A 485 -1.51 -15.54 -30.67
C ALA A 485 -0.35 -15.46 -29.69
N ARG A 486 0.37 -14.35 -29.71
CA ARG A 486 1.48 -14.13 -28.79
C ARG A 486 1.01 -13.82 -27.39
N ARG A 487 0.06 -12.89 -27.27
CA ARG A 487 -0.38 -12.43 -25.96
C ARG A 487 -1.14 -13.52 -25.21
N ARG A 488 -1.88 -14.34 -25.96
CA ARG A 488 -2.64 -15.41 -25.35
C ARG A 488 -1.70 -16.48 -24.79
N ALA A 489 -0.43 -16.37 -25.14
CA ALA A 489 0.58 -17.32 -24.68
C ALA A 489 1.47 -16.69 -23.60
N MET A 490 1.04 -15.56 -23.06
CA MET A 490 1.79 -14.87 -22.03
C MET A 490 1.16 -15.04 -20.65
N PRO A 491 1.99 -15.05 -19.61
CA PRO A 491 1.46 -15.02 -18.25
C PRO A 491 0.87 -13.65 -17.94
N PHE A 492 -0.03 -13.59 -16.97
CA PHE A 492 -0.73 -12.35 -16.68
C PHE A 492 -0.39 -11.86 -15.29
N VAL A 493 -0.23 -10.54 -15.16
CA VAL A 493 0.12 -9.94 -13.88
C VAL A 493 -0.59 -8.60 -13.70
N LEU A 494 -1.13 -8.38 -12.51
CA LEU A 494 -1.72 -7.09 -12.17
C LEU A 494 -0.66 -6.23 -11.51
N CYS A 495 -0.13 -5.27 -12.23
CA CYS A 495 0.95 -4.45 -11.70
C CYS A 495 0.41 -3.48 -10.66
N GLU A 496 -0.89 -3.21 -10.73
CA GLU A 496 -1.61 -2.46 -9.70
C GLU A 496 -3.03 -3.00 -9.58
N TYR A 497 -3.41 -3.40 -8.37
CA TYR A 497 -4.81 -3.71 -8.08
C TYR A 497 -5.15 -3.46 -6.62
N VAL A 498 -6.38 -3.80 -6.27
CA VAL A 498 -7.05 -3.47 -5.00
C VAL A 498 -6.61 -2.13 -4.41
N HIS A 499 -7.01 -1.04 -5.06
CA HIS A 499 -6.62 0.29 -4.61
C HIS A 499 -6.77 0.36 -3.10
N ALA A 500 -5.78 0.84 -2.35
CA ALA A 500 -6.00 0.85 -0.92
C ALA A 500 -6.27 2.23 -0.33
N MET A 501 -7.03 3.07 -1.02
CA MET A 501 -7.38 4.39 -0.47
C MET A 501 -8.40 4.27 0.68
N GLY A 502 -8.16 5.00 1.77
CA GLY A 502 -9.06 5.03 2.90
C GLY A 502 -9.47 3.66 3.43
N ASN A 503 -10.70 3.57 3.93
CA ASN A 503 -11.25 2.30 4.40
C ASN A 503 -11.28 1.29 3.27
N GLY A 504 -10.48 0.24 3.41
CA GLY A 504 -10.34 -0.78 2.39
C GLY A 504 -8.94 -1.36 2.46
N PRO A 505 -8.53 -2.09 1.42
CA PRO A 505 -9.32 -2.39 0.22
C PRO A 505 -10.23 -3.60 0.39
N GLY A 506 -11.34 -3.63 -0.34
CA GLY A 506 -12.25 -4.75 -0.30
C GLY A 506 -12.13 -5.61 -1.55
N GLY A 507 -12.50 -6.89 -1.41
CA GLY A 507 -12.51 -7.79 -2.54
C GLY A 507 -11.19 -8.48 -2.80
N MET A 508 -10.26 -8.39 -1.85
CA MET A 508 -8.94 -9.01 -2.00
C MET A 508 -9.01 -10.53 -2.06
N SER A 509 -10.05 -11.10 -1.47
CA SER A 509 -10.17 -12.56 -1.42
C SER A 509 -10.55 -13.12 -2.79
N GLU A 510 -11.44 -12.41 -3.49
CA GLU A 510 -11.94 -12.89 -4.77
C GLU A 510 -10.84 -12.87 -5.82
N TYR A 511 -9.89 -11.95 -5.68
CA TYR A 511 -8.72 -11.95 -6.55
C TYR A 511 -7.83 -13.15 -6.26
N GLN A 512 -7.52 -13.34 -4.99
CA GLN A 512 -6.57 -14.38 -4.57
C GLN A 512 -7.05 -15.78 -4.94
N ALA A 513 -8.36 -15.99 -4.92
CA ALA A 513 -8.92 -17.29 -5.29
C ALA A 513 -8.57 -17.61 -6.73
N LEU A 514 -8.51 -16.58 -7.56
CA LEU A 514 -8.17 -16.74 -8.97
C LEU A 514 -6.68 -16.98 -9.11
N PHE A 515 -5.88 -16.29 -8.29
CA PHE A 515 -4.43 -16.45 -8.31
C PHE A 515 -4.02 -17.90 -8.01
N GLU A 516 -4.74 -18.54 -7.11
CA GLU A 516 -4.42 -19.90 -6.69
C GLU A 516 -4.92 -20.94 -7.68
N LYS A 517 -5.97 -20.61 -8.41
CA LYS A 517 -6.66 -21.62 -9.22
C LYS A 517 -6.14 -21.66 -10.66
N TYR A 518 -5.67 -20.53 -11.17
CA TYR A 518 -5.23 -20.46 -12.57
C TYR A 518 -3.75 -20.13 -12.70
N PRO A 519 -2.97 -21.07 -13.26
CA PRO A 519 -1.52 -20.97 -13.44
C PRO A 519 -1.07 -19.78 -14.26
N ARG A 520 -1.91 -19.27 -15.15
CA ARG A 520 -1.51 -18.18 -16.02
C ARG A 520 -1.40 -16.88 -15.24
N LEU A 521 -2.12 -16.79 -14.14
CA LEU A 521 -2.08 -15.60 -13.31
C LEU A 521 -0.84 -15.62 -12.43
N MET A 522 0.01 -14.62 -12.60
CA MET A 522 1.23 -14.52 -11.82
C MET A 522 0.95 -14.01 -10.40
N GLY A 523 -0.25 -13.48 -10.21
CA GLY A 523 -0.60 -12.85 -8.95
C GLY A 523 -0.62 -11.34 -9.18
N GLY A 524 -0.01 -10.59 -8.26
CA GLY A 524 0.12 -9.18 -8.51
C GLY A 524 0.49 -8.26 -7.35
N PHE A 525 0.50 -6.96 -7.65
CA PHE A 525 1.03 -5.93 -6.77
C PHE A 525 -0.04 -4.98 -6.27
N VAL A 526 -0.11 -4.82 -4.95
CA VAL A 526 -1.09 -3.92 -4.33
C VAL A 526 -0.67 -2.48 -4.47
N TRP A 527 -1.61 -1.60 -4.78
CA TRP A 527 -1.34 -0.18 -4.75
C TRP A 527 -2.02 0.50 -3.57
N GLU A 528 -1.24 1.01 -2.63
CA GLU A 528 0.21 0.89 -2.66
C GLU A 528 0.74 0.66 -1.27
N TRP A 529 2.06 0.59 -1.14
CA TRP A 529 2.70 0.28 0.13
C TRP A 529 2.44 1.34 1.20
N LEU A 530 2.70 2.60 0.90
CA LEU A 530 2.61 3.64 1.91
C LEU A 530 1.84 4.88 1.48
N GLU A 531 1.29 5.56 2.46
CA GLU A 531 0.68 6.87 2.27
C GLU A 531 1.77 7.90 2.07
N HIS A 532 1.55 8.87 1.19
CA HIS A 532 2.50 9.96 1.04
C HIS A 532 2.15 11.13 1.97
N GLY A 533 1.79 10.79 3.20
CA GLY A 533 1.46 11.81 4.18
C GLY A 533 2.65 12.65 4.55
N ILE A 534 2.39 13.92 4.87
CA ILE A 534 3.43 14.83 5.30
C ILE A 534 3.06 15.44 6.65
N THR A 535 3.98 15.34 7.61
CA THR A 535 3.73 15.80 8.98
C THR A 535 3.64 17.32 9.09
N VAL A 536 2.61 17.78 9.81
CA VAL A 536 2.35 19.22 10.00
C VAL A 536 1.99 19.53 11.45
N SER A 537 2.55 20.60 12.01
CA SER A 537 2.23 20.98 13.39
C SER A 537 1.34 22.22 13.45
N THR A 538 0.25 22.12 14.20
CA THR A 538 -0.75 23.19 14.27
C THR A 538 -0.30 24.31 15.21
N ALA A 539 -1.19 25.28 15.45
CA ALA A 539 -0.90 26.39 16.35
C ALA A 539 -0.69 25.94 17.80
N ASP A 540 -1.37 24.86 18.19
CA ASP A 540 -1.28 24.30 19.54
C ASP A 540 -0.36 23.08 19.53
N GLY A 541 0.38 22.94 18.43
CA GLY A 541 1.38 21.89 18.30
C GLY A 541 0.88 20.46 18.25
N VAL A 542 -0.35 20.26 17.77
CA VAL A 542 -0.82 18.96 17.34
C VAL A 542 -0.12 18.63 16.01
N ASP A 543 0.41 17.42 15.85
CA ASP A 543 0.85 17.08 14.50
C ASP A 543 0.15 15.87 13.92
N HIS A 544 -0.14 16.02 12.63
CA HIS A 544 -1.05 15.20 11.86
C HIS A 544 -0.54 15.24 10.44
N TYR A 545 -0.92 14.27 9.62
CA TYR A 545 -0.50 14.30 8.22
C TYR A 545 -1.33 15.29 7.43
N GLY A 546 -0.73 15.90 6.42
CA GLY A 546 -1.47 16.74 5.49
C GLY A 546 -1.42 16.14 4.11
N TYR A 547 -2.41 16.45 3.27
CA TYR A 547 -2.44 15.93 1.90
C TYR A 547 -2.50 17.05 0.86
N GLY A 548 -2.65 16.66 -0.41
CA GLY A 548 -2.63 17.62 -1.50
C GLY A 548 -3.70 18.69 -1.39
N GLY A 549 -3.31 19.93 -1.70
CA GLY A 549 -4.21 21.06 -1.60
C GLY A 549 -4.08 21.76 -0.27
N ASP A 550 -3.28 21.16 0.63
CA ASP A 550 -3.12 21.70 1.98
C ASP A 550 -1.93 22.61 2.12
N PHE A 551 -1.22 22.85 1.03
CA PHE A 551 -0.05 23.70 1.08
C PHE A 551 -0.20 24.86 0.10
N GLY A 552 -1.44 25.13 -0.29
CA GLY A 552 -1.77 26.30 -1.08
C GLY A 552 -1.68 26.09 -2.58
N GLU A 553 -1.59 24.83 -3.00
CA GLU A 553 -1.39 24.49 -4.39
C GLU A 553 -2.52 24.97 -5.29
N GLU A 554 -2.15 25.64 -6.38
CA GLU A 554 -3.10 26.11 -7.38
C GLU A 554 -3.90 24.93 -7.96
N VAL A 555 -3.23 23.79 -8.09
CA VAL A 555 -3.85 22.59 -8.65
C VAL A 555 -3.47 21.37 -7.83
N HIS A 556 -4.45 20.54 -7.47
CA HIS A 556 -4.19 19.40 -6.60
C HIS A 556 -5.20 18.26 -6.76
N ASP A 557 -4.95 17.16 -6.06
CA ASP A 557 -5.85 16.00 -6.08
C ASP A 557 -6.30 15.59 -4.69
N GLY A 558 -6.24 16.53 -3.75
CA GLY A 558 -6.65 16.25 -2.39
C GLY A 558 -5.86 15.13 -1.76
N ASN A 559 -6.58 14.12 -1.29
CA ASN A 559 -5.99 13.08 -0.43
C ASN A 559 -5.61 11.79 -1.14
N PHE A 560 -5.30 11.87 -2.43
CA PHE A 560 -5.00 10.65 -3.18
C PHE A 560 -3.60 10.10 -2.89
N VAL A 561 -2.76 10.91 -2.27
CA VAL A 561 -1.47 10.44 -1.79
C VAL A 561 -1.68 9.43 -0.68
N THR A 562 -2.83 9.51 -0.05
CA THR A 562 -3.21 8.63 1.04
C THR A 562 -3.97 7.42 0.51
N ASP A 563 -3.23 6.44 0.01
CA ASP A 563 -3.83 5.21 -0.51
C ASP A 563 -3.01 4.00 -0.10
N GLY A 564 -2.28 4.12 1.00
CA GLY A 564 -1.31 3.13 1.39
C GLY A 564 -1.78 2.07 2.36
N LEU A 565 -0.96 1.02 2.50
CA LEU A 565 -1.22 -0.03 3.46
C LEU A 565 -0.62 0.34 4.80
N VAL A 566 0.31 1.29 4.78
CA VAL A 566 0.89 1.83 6.00
C VAL A 566 0.89 3.35 5.88
N ASP A 567 0.89 4.06 7.01
CA ASP A 567 0.97 5.50 6.92
C ASP A 567 2.42 5.90 6.64
N ALA A 568 2.68 7.19 6.56
CA ALA A 568 4.01 7.67 6.21
C ALA A 568 5.06 7.21 7.21
N ASP A 569 4.66 7.00 8.46
CA ASP A 569 5.57 6.56 9.50
C ASP A 569 5.57 5.05 9.65
N ARG A 570 5.13 4.36 8.59
CA ARG A 570 5.19 2.91 8.50
C ARG A 570 4.36 2.21 9.58
N ARG A 571 3.29 2.86 10.03
CA ARG A 571 2.35 2.23 10.94
C ARG A 571 1.24 1.56 10.13
N PRO A 572 1.06 0.24 10.34
CA PRO A 572 0.10 -0.57 9.59
C PRO A 572 -1.35 -0.07 9.64
N ARG A 573 -1.93 0.20 8.48
CA ARG A 573 -3.35 0.41 8.35
C ARG A 573 -4.01 -0.97 8.41
N PRO A 574 -5.29 -1.04 8.81
CA PRO A 574 -5.96 -2.34 8.92
C PRO A 574 -5.90 -3.15 7.64
N GLY A 575 -5.74 -2.47 6.50
CA GLY A 575 -5.65 -3.13 5.22
C GLY A 575 -4.47 -4.09 5.10
N LEU A 576 -3.34 -3.71 5.69
CA LEU A 576 -2.15 -4.56 5.67
C LEU A 576 -2.39 -5.83 6.48
N LEU A 577 -3.12 -5.68 7.58
CA LEU A 577 -3.44 -6.79 8.46
C LEU A 577 -4.32 -7.79 7.74
N ASP A 578 -5.26 -7.29 6.94
CA ASP A 578 -6.12 -8.14 6.14
C ASP A 578 -5.33 -8.77 5.01
N PHE A 579 -4.45 -7.98 4.42
CA PHE A 579 -3.65 -8.44 3.29
C PHE A 579 -2.73 -9.60 3.68
N LYS A 580 -2.12 -9.49 4.86
CA LYS A 580 -1.25 -10.54 5.39
C LYS A 580 -1.95 -11.89 5.41
N LYS A 581 -3.22 -11.88 5.79
CA LYS A 581 -4.00 -13.11 5.90
C LYS A 581 -4.39 -13.66 4.53
N VAL A 582 -4.65 -12.76 3.58
CA VAL A 582 -5.11 -13.18 2.26
C VAL A 582 -4.02 -13.92 1.50
N ILE A 583 -2.78 -13.43 1.62
CA ILE A 583 -1.66 -13.99 0.88
C ILE A 583 -0.79 -14.92 1.71
N GLU A 584 -1.32 -15.43 2.81
CA GLU A 584 -0.52 -16.29 3.68
C GLU A 584 -0.17 -17.58 2.95
N PRO A 585 1.10 -18.02 3.10
CA PRO A 585 1.69 -19.13 2.36
C PRO A 585 1.19 -20.51 2.77
N LEU A 586 0.44 -20.59 3.85
CA LEU A 586 -0.08 -21.88 4.32
C LEU A 586 -1.57 -21.76 4.58
N ARG A 587 -2.36 -22.75 4.15
CA ARG A 587 -3.76 -22.76 4.53
C ARG A 587 -4.03 -23.86 5.53
N ILE A 588 -4.69 -23.50 6.62
CA ILE A 588 -4.98 -24.41 7.72
C ILE A 588 -6.49 -24.56 7.93
N ASP A 589 -7.05 -25.67 7.45
CA ASP A 589 -8.48 -25.92 7.63
C ASP A 589 -8.74 -26.82 8.83
N VAL A 590 -9.01 -26.21 9.97
CA VAL A 590 -9.30 -26.96 11.18
C VAL A 590 -10.62 -27.72 11.07
N ALA A 591 -10.58 -29.01 11.34
CA ALA A 591 -11.78 -29.84 11.30
C ALA A 591 -12.79 -29.39 12.35
N ARG A 592 -14.06 -29.66 12.10
CA ARG A 592 -15.13 -29.23 12.99
C ARG A 592 -15.14 -29.99 14.31
N ASP A 593 -14.81 -31.28 14.26
CA ASP A 593 -14.85 -32.12 15.46
C ASP A 593 -13.58 -31.96 16.29
N TRP A 594 -12.73 -31.01 15.91
CA TRP A 594 -11.51 -30.68 16.64
C TRP A 594 -10.55 -31.86 16.79
N THR A 595 -10.67 -32.84 15.90
CA THR A 595 -9.81 -34.01 15.95
C THR A 595 -8.46 -33.75 15.29
N GLY A 596 -8.46 -32.93 14.26
CA GLY A 596 -7.25 -32.57 13.55
C GLY A 596 -7.44 -31.38 12.64
N PHE A 597 -6.46 -31.11 11.79
CA PHE A 597 -6.57 -30.03 10.82
C PHE A 597 -5.89 -30.39 9.51
N THR A 598 -6.35 -29.79 8.43
CA THR A 598 -5.72 -30.00 7.12
C THR A 598 -4.75 -28.86 6.83
N LEU A 599 -3.54 -29.22 6.40
CA LEU A 599 -2.51 -28.22 6.12
C LEU A 599 -2.02 -28.32 4.69
N ARG A 600 -2.10 -27.22 3.96
CA ARG A 600 -1.55 -27.16 2.61
C ARG A 600 -0.41 -26.14 2.54
N ASN A 601 0.69 -26.54 1.90
CA ASN A 601 1.84 -25.67 1.74
C ASN A 601 1.75 -24.93 0.41
N GLY A 602 1.56 -23.61 0.49
CA GLY A 602 1.34 -22.82 -0.70
C GLY A 602 2.60 -22.22 -1.28
N GLN A 603 3.72 -22.46 -0.62
CA GLN A 603 5.02 -21.98 -1.08
C GLN A 603 5.44 -22.72 -2.34
N ASP A 604 6.35 -22.12 -3.10
CA ASP A 604 6.78 -22.69 -4.37
C ASP A 604 8.06 -23.50 -4.23
N PHE A 605 8.86 -23.20 -3.21
CA PHE A 605 10.15 -23.85 -3.05
C PHE A 605 10.33 -24.50 -1.68
N ALA A 606 10.13 -23.73 -0.62
CA ALA A 606 10.40 -24.20 0.74
C ALA A 606 9.38 -25.23 1.23
N ASP A 607 9.71 -25.88 2.33
CA ASP A 607 8.80 -26.81 2.98
C ASP A 607 8.43 -26.28 4.36
N THR A 608 7.54 -27.00 5.04
CA THR A 608 7.03 -26.55 6.33
C THR A 608 7.96 -26.94 7.47
N SER A 609 9.24 -26.60 7.34
CA SER A 609 10.24 -27.04 8.31
C SER A 609 10.78 -25.89 9.16
N ALA A 610 10.62 -24.68 8.67
CA ALA A 610 11.06 -23.51 9.42
C ALA A 610 9.98 -23.08 10.41
N PHE A 611 8.83 -23.74 10.33
CA PHE A 611 7.69 -23.37 11.15
C PHE A 611 7.53 -24.28 12.36
N SER A 612 6.96 -23.73 13.42
CA SER A 612 6.50 -24.52 14.55
C SER A 612 5.00 -24.38 14.63
N PHE A 613 4.30 -25.50 14.79
CA PHE A 613 2.84 -25.46 14.81
C PHE A 613 2.30 -25.51 16.23
N ARG A 614 1.66 -24.42 16.64
CA ARG A 614 1.04 -24.34 17.95
C ARG A 614 -0.48 -24.36 17.84
N TYR A 615 -1.14 -24.78 18.92
CA TYR A 615 -2.59 -24.73 18.99
C TYR A 615 -3.00 -24.05 20.29
N GLU A 616 -4.18 -23.42 20.27
CA GLU A 616 -4.69 -22.75 21.45
C GLU A 616 -6.19 -22.94 21.58
N VAL A 617 -6.67 -23.05 22.81
CA VAL A 617 -8.10 -23.13 23.08
C VAL A 617 -8.52 -22.02 24.03
N GLU A 618 -9.25 -21.05 23.51
CA GLU A 618 -9.74 -19.95 24.34
C GLU A 618 -11.22 -20.09 24.63
N ALA A 619 -11.59 -19.77 25.87
CA ALA A 619 -12.98 -19.75 26.30
C ALA A 619 -13.10 -18.84 27.50
N ASP A 620 -14.11 -17.96 27.47
CA ASP A 620 -14.29 -16.96 28.51
C ASP A 620 -13.01 -16.16 28.72
N GLY A 621 -12.60 -16.01 29.97
CA GLY A 621 -11.41 -15.24 30.30
C GLY A 621 -10.22 -16.11 30.66
N GLY A 622 -10.03 -17.21 29.92
CA GLY A 622 -8.92 -18.09 30.16
C GLY A 622 -8.57 -18.98 28.98
N ALA A 623 -7.27 -19.14 28.74
CA ALA A 623 -6.79 -20.10 27.76
C ALA A 623 -6.81 -21.48 28.41
N LEU A 624 -7.71 -22.33 27.94
CA LEU A 624 -7.95 -23.61 28.58
C LEU A 624 -6.80 -24.60 28.40
N ASP A 625 -6.13 -24.52 27.26
CA ASP A 625 -5.04 -25.44 26.96
C ASP A 625 -4.16 -24.88 25.85
N GLY A 626 -2.91 -25.30 25.84
CA GLY A 626 -1.98 -24.90 24.79
C GLY A 626 -1.02 -26.04 24.52
N GLY A 627 -0.29 -25.95 23.40
CA GLY A 627 0.67 -26.98 23.08
C GLY A 627 1.25 -26.91 21.67
N THR A 628 2.07 -27.90 21.35
CA THR A 628 2.75 -27.95 20.06
C THR A 628 2.50 -29.30 19.41
N VAL A 629 2.26 -29.30 18.11
CA VAL A 629 2.05 -30.55 17.38
C VAL A 629 3.23 -30.80 16.44
N ASP A 630 3.53 -32.08 16.23
CA ASP A 630 4.64 -32.45 15.37
C ASP A 630 4.17 -32.73 13.96
N VAL A 631 4.57 -31.87 13.03
CA VAL A 631 4.15 -32.02 11.65
C VAL A 631 5.32 -32.36 10.75
N ALA A 632 5.28 -33.56 10.16
CA ALA A 632 6.27 -33.96 9.18
C ALA A 632 6.31 -32.94 8.06
N PRO A 633 7.52 -32.52 7.65
CA PRO A 633 7.72 -31.52 6.60
C PRO A 633 6.84 -31.77 5.39
N VAL A 634 6.11 -30.74 4.96
CA VAL A 634 5.22 -30.88 3.83
C VAL A 634 5.84 -30.26 2.59
N ALA A 635 5.84 -31.01 1.50
CA ALA A 635 6.39 -30.52 0.24
C ALA A 635 5.57 -29.34 -0.27
N PRO A 636 6.22 -28.42 -0.99
CA PRO A 636 5.51 -27.29 -1.61
C PRO A 636 4.42 -27.75 -2.55
N GLN A 637 3.31 -27.02 -2.59
CA GLN A 637 2.15 -27.35 -3.41
C GLN A 637 1.60 -28.73 -3.07
N SER A 638 1.72 -29.12 -1.81
CA SER A 638 1.23 -30.39 -1.34
C SER A 638 0.49 -30.22 -0.02
N GLU A 639 -0.35 -31.18 0.33
CA GLU A 639 -1.14 -31.10 1.55
C GLU A 639 -1.22 -32.42 2.29
N THR A 640 -1.14 -32.35 3.61
CA THR A 640 -1.29 -33.52 4.47
C THR A 640 -2.35 -33.25 5.53
N VAL A 641 -2.73 -34.29 6.27
CA VAL A 641 -3.67 -34.12 7.36
C VAL A 641 -3.01 -34.46 8.69
N VAL A 642 -3.06 -33.52 9.62
CA VAL A 642 -2.44 -33.69 10.93
C VAL A 642 -3.48 -33.86 12.03
N GLU A 643 -3.35 -34.93 12.81
CA GLU A 643 -4.26 -35.16 13.93
C GLU A 643 -3.82 -34.40 15.16
N LEU A 644 -4.78 -33.74 15.81
CA LEU A 644 -4.52 -33.01 17.05
C LEU A 644 -4.53 -33.96 18.24
N PRO A 645 -3.88 -33.55 19.34
CA PRO A 645 -3.92 -34.33 20.59
C PRO A 645 -5.34 -34.68 21.00
N GLY A 646 -5.52 -35.88 21.54
CA GLY A 646 -6.84 -36.33 21.97
C GLY A 646 -7.40 -35.43 23.05
N SER A 647 -6.51 -34.78 23.80
CA SER A 647 -6.90 -33.87 24.87
C SER A 647 -7.74 -32.71 24.34
N VAL A 648 -7.38 -32.23 23.15
CA VAL A 648 -8.10 -31.12 22.53
C VAL A 648 -9.53 -31.51 22.15
N ALA A 649 -9.65 -32.59 21.40
CA ALA A 649 -10.96 -33.08 20.96
C ALA A 649 -11.82 -33.46 22.15
N ALA A 650 -11.18 -33.90 23.23
CA ALA A 650 -11.90 -34.29 24.44
C ALA A 650 -12.53 -33.08 25.11
N LEU A 651 -11.86 -31.94 25.02
CA LEU A 651 -12.34 -30.72 25.64
C LEU A 651 -13.54 -30.17 24.86
N ALA A 652 -13.62 -30.53 23.58
CA ALA A 652 -14.71 -30.07 22.72
C ALA A 652 -16.06 -30.62 23.19
N ALA A 653 -16.15 -31.93 23.31
CA ALA A 653 -17.37 -32.57 23.80
C ALA A 653 -17.57 -32.28 25.28
N GLY A 654 -16.49 -31.91 25.96
CA GLY A 654 -16.52 -31.68 27.39
C GLY A 654 -17.24 -30.45 27.85
N LEU A 655 -17.22 -29.41 27.01
CA LEU A 655 -17.82 -28.13 27.39
C LEU A 655 -19.34 -28.17 27.19
N SER A 656 -20.03 -27.41 28.04
CA SER A 656 -21.47 -27.26 27.91
C SER A 656 -21.98 -26.89 26.54
N ASP A 657 -23.20 -27.33 26.24
CA ASP A 657 -23.88 -26.91 25.03
C ASP A 657 -24.21 -25.42 25.10
N GLY A 658 -23.71 -24.67 24.12
CA GLY A 658 -24.04 -23.25 24.04
C GLY A 658 -23.09 -22.21 24.60
N ARG A 659 -21.98 -22.62 25.24
CA ARG A 659 -20.97 -21.61 25.58
C ARG A 659 -19.85 -21.63 24.55
N PRO A 660 -19.29 -20.44 24.26
CA PRO A 660 -18.30 -20.23 23.21
C PRO A 660 -16.91 -20.76 23.54
N ALA A 661 -16.26 -21.35 22.53
CA ALA A 661 -14.89 -21.80 22.64
C ALA A 661 -14.21 -21.70 21.28
N VAL A 662 -12.95 -21.27 21.27
CA VAL A 662 -12.23 -21.03 20.03
C VAL A 662 -10.94 -21.82 19.93
N LEU A 663 -10.85 -22.68 18.92
CA LEU A 663 -9.62 -23.44 18.66
C LEU A 663 -8.80 -22.78 17.55
N THR A 664 -7.56 -22.45 17.87
CA THR A 664 -6.68 -21.77 16.92
C THR A 664 -5.39 -22.53 16.66
N VAL A 665 -5.20 -22.98 15.42
CA VAL A 665 -3.95 -23.61 15.02
C VAL A 665 -3.08 -22.59 14.28
N ARG A 666 -1.89 -22.33 14.80
CA ARG A 666 -1.05 -21.25 14.30
C ARG A 666 0.33 -21.70 13.83
N ALA A 667 0.72 -21.25 12.65
CA ALA A 667 2.07 -21.51 12.15
C ALA A 667 2.99 -20.35 12.49
N VAL A 668 4.02 -20.64 13.30
CA VAL A 668 4.98 -19.63 13.68
C VAL A 668 6.40 -20.07 13.38
N LEU A 669 7.32 -19.11 13.32
CA LEU A 669 8.71 -19.43 13.02
C LEU A 669 9.35 -20.24 14.13
N GLY A 670 10.03 -21.32 13.75
CA GLY A 670 10.73 -22.16 14.70
C GLY A 670 11.91 -21.45 15.32
N ALA A 671 12.61 -20.67 14.51
CA ALA A 671 13.77 -19.92 14.98
C ALA A 671 13.89 -18.58 14.27
N ASP A 672 14.67 -17.66 14.84
CA ASP A 672 14.85 -16.34 14.28
C ASP A 672 15.28 -16.36 12.82
N SER A 673 14.80 -15.40 12.05
CA SER A 673 15.23 -15.19 10.69
C SER A 673 15.76 -13.76 10.58
N ALA A 674 16.19 -13.37 9.40
CA ALA A 674 16.73 -12.04 9.21
C ALA A 674 15.67 -10.96 9.39
N TRP A 675 14.41 -11.32 9.12
CA TRP A 675 13.34 -10.34 9.08
C TRP A 675 12.36 -10.43 10.25
N ALA A 676 12.48 -11.48 11.05
CA ALA A 676 11.61 -11.63 12.20
C ALA A 676 12.25 -12.52 13.27
N ASP A 677 11.71 -12.44 14.49
CA ASP A 677 12.18 -13.30 15.57
C ASP A 677 11.32 -14.57 15.62
N ALA A 678 11.84 -15.59 16.27
CA ALA A 678 11.12 -16.85 16.42
C ALA A 678 9.77 -16.61 17.08
N GLY A 679 8.80 -17.45 16.78
CA GLY A 679 7.48 -17.32 17.36
C GLY A 679 6.55 -16.41 16.57
N HIS A 680 7.11 -15.67 15.63
CA HIS A 680 6.35 -14.76 14.78
C HIS A 680 5.30 -15.52 13.97
N GLU A 681 4.11 -14.95 13.87
CA GLU A 681 2.97 -15.63 13.26
C GLU A 681 2.95 -15.48 11.74
N VAL A 682 2.85 -16.62 11.06
CA VAL A 682 2.85 -16.64 9.60
C VAL A 682 1.47 -16.93 9.04
N ALA A 683 0.82 -17.95 9.57
CA ALA A 683 -0.52 -18.32 9.12
C ALA A 683 -1.31 -19.00 10.23
N TRP A 684 -2.64 -18.95 10.15
CA TRP A 684 -3.48 -19.53 11.19
C TRP A 684 -4.82 -20.05 10.67
N GLY A 685 -5.48 -20.87 11.48
CA GLY A 685 -6.77 -21.43 11.14
C GLY A 685 -7.61 -21.64 12.39
N GLN A 686 -8.93 -21.61 12.25
CA GLN A 686 -9.81 -21.69 13.41
C GLN A 686 -11.03 -22.58 13.21
N SER A 687 -11.55 -23.06 14.34
CA SER A 687 -12.86 -23.69 14.40
C SER A 687 -13.56 -23.14 15.63
N VAL A 688 -14.80 -22.70 15.47
CA VAL A 688 -15.47 -21.99 16.55
C VAL A 688 -16.77 -22.65 17.00
N ARG A 689 -16.90 -22.84 18.31
CA ARG A 689 -18.16 -23.23 18.91
C ARG A 689 -18.90 -21.97 19.35
N GLU A 690 -19.93 -21.60 18.61
CA GLU A 690 -20.64 -20.35 18.86
C GLU A 690 -21.83 -20.54 19.80
N PRO A 691 -22.15 -19.51 20.59
CA PRO A 691 -23.30 -19.58 21.49
C PRO A 691 -24.60 -19.63 20.69
N GLY A 692 -25.62 -20.29 21.23
CA GLY A 692 -26.92 -20.32 20.59
C GLY A 692 -27.55 -18.94 20.62
N ALA A 693 -28.57 -18.75 19.80
CA ALA A 693 -29.30 -17.48 19.78
C ALA A 693 -29.86 -17.20 21.17
N PRO A 694 -29.67 -15.97 21.65
CA PRO A 694 -30.17 -15.60 22.98
C PRO A 694 -31.68 -15.67 23.07
N VAL A 695 -32.20 -15.85 24.28
CA VAL A 695 -33.63 -15.96 24.48
C VAL A 695 -34.23 -14.64 24.98
N PRO A 696 -35.30 -14.18 24.32
CA PRO A 696 -36.00 -12.96 24.76
C PRO A 696 -36.47 -13.09 26.20
N PRO A 697 -36.28 -12.02 27.00
CA PRO A 697 -36.64 -12.06 28.41
C PRO A 697 -38.14 -12.27 28.60
N ALA A 698 -38.53 -12.79 29.76
CA ALA A 698 -39.94 -12.98 30.07
C ALA A 698 -40.64 -11.63 30.10
N PRO A 699 -41.70 -11.48 29.29
CA PRO A 699 -42.47 -10.25 29.34
C PRO A 699 -43.43 -10.27 30.52
N VAL A 700 -42.89 -10.18 31.73
CA VAL A 700 -43.69 -10.29 32.94
C VAL A 700 -43.78 -8.95 33.66
N GLU A 701 -43.10 -7.95 33.13
CA GLU A 701 -43.13 -6.62 33.70
C GLU A 701 -44.14 -5.74 32.99
N PRO A 702 -44.92 -4.95 33.76
CA PRO A 702 -45.94 -4.07 33.18
C PRO A 702 -45.40 -2.68 32.90
N VAL A 703 -46.12 -1.93 32.07
CA VAL A 703 -45.75 -0.54 31.80
C VAL A 703 -46.36 0.38 32.84
N GLN A 704 -45.53 1.14 33.53
CA GLN A 704 -46.01 2.11 34.50
C GLN A 704 -46.13 3.48 33.85
N VAL A 705 -47.34 4.01 33.81
CA VAL A 705 -47.62 5.25 33.10
C VAL A 705 -47.67 6.47 34.03
N GLN A 706 -46.76 7.42 33.81
CA GLN A 706 -46.83 8.70 34.49
C GLN A 706 -47.22 9.78 33.49
N ASP A 707 -47.18 11.03 33.92
CA ASP A 707 -47.70 12.13 33.12
C ASP A 707 -46.91 12.40 31.84
N SER A 708 -45.58 12.38 31.93
CA SER A 708 -44.75 12.72 30.79
C SER A 708 -43.82 11.58 30.38
N GLU A 709 -43.79 10.53 31.19
CA GLU A 709 -42.85 9.44 30.96
C GLU A 709 -43.50 8.07 31.11
N LEU A 710 -42.84 7.06 30.54
CA LEU A 710 -43.23 5.67 30.73
C LEU A 710 -42.10 4.90 31.39
N THR A 711 -42.44 3.85 32.12
CA THR A 711 -41.43 3.02 32.74
C THR A 711 -41.74 1.56 32.56
N LEU A 712 -40.77 0.82 32.03
CA LEU A 712 -40.86 -0.62 31.87
C LEU A 712 -39.53 -1.23 32.26
N GLY A 713 -39.54 -2.04 33.31
CA GLY A 713 -38.32 -2.61 33.84
C GLY A 713 -37.36 -1.50 34.25
N PRO A 714 -36.11 -1.60 33.80
CA PRO A 714 -35.11 -0.57 34.10
C PRO A 714 -35.07 0.51 33.02
N VAL A 715 -35.98 0.46 32.07
CA VAL A 715 -35.97 1.40 30.95
C VAL A 715 -37.04 2.49 31.07
N VAL A 716 -36.58 3.73 31.17
CA VAL A 716 -37.47 4.89 31.22
C VAL A 716 -37.65 5.48 29.82
N PHE A 717 -38.89 5.76 29.45
CA PHE A 717 -39.17 6.30 28.13
C PHE A 717 -39.65 7.74 28.17
N SER A 718 -39.90 8.30 26.99
CA SER A 718 -40.53 9.60 26.85
C SER A 718 -41.80 9.46 26.03
N ARG A 719 -42.91 9.91 26.57
CA ARG A 719 -44.21 9.72 25.92
C ARG A 719 -44.37 10.58 24.68
N ALA A 720 -43.56 11.62 24.57
CA ALA A 720 -43.60 12.48 23.40
C ALA A 720 -42.84 11.87 22.23
N THR A 721 -41.70 11.26 22.54
CA THR A 721 -40.82 10.72 21.50
C THR A 721 -41.06 9.24 21.22
N GLY A 722 -41.12 8.44 22.27
CA GLY A 722 -41.27 7.00 22.11
C GLY A 722 -39.91 6.34 22.23
N MET A 723 -38.92 7.15 22.58
CA MET A 723 -37.55 6.67 22.75
C MET A 723 -37.19 6.62 24.22
N PRO A 724 -36.32 5.68 24.61
CA PRO A 724 -35.89 5.61 25.99
C PRO A 724 -35.07 6.84 26.38
N THR A 725 -35.17 7.24 27.65
CA THR A 725 -34.38 8.35 28.16
C THR A 725 -33.37 7.84 29.18
N SER A 726 -33.58 6.59 29.62
CA SER A 726 -32.74 6.00 30.64
C SER A 726 -32.86 4.48 30.66
N ILE A 727 -31.72 3.79 30.72
CA ILE A 727 -31.69 2.34 30.88
C ILE A 727 -30.75 1.95 32.01
N GLY A 728 -31.32 1.45 33.11
CA GLY A 728 -30.52 1.07 34.26
C GLY A 728 -29.73 2.24 34.81
N GLY A 729 -30.23 3.45 34.55
CA GLY A 729 -29.59 4.65 35.03
C GLY A 729 -28.73 5.34 33.99
N VAL A 730 -28.45 4.67 32.88
CA VAL A 730 -27.62 5.29 31.84
C VAL A 730 -28.49 6.22 31.00
N PRO A 731 -28.04 7.46 30.82
CA PRO A 731 -28.81 8.46 30.07
C PRO A 731 -28.82 8.20 28.56
N VAL A 732 -30.00 7.93 28.02
CA VAL A 732 -30.16 7.72 26.58
C VAL A 732 -30.70 8.99 25.93
N GLU A 733 -29.81 9.71 25.24
CA GLU A 733 -30.19 10.98 24.65
C GLU A 733 -30.91 10.83 23.32
N LYS A 734 -30.73 9.68 22.67
CA LYS A 734 -31.31 9.47 21.35
C LYS A 734 -31.24 8.00 20.92
N LEU A 735 -32.23 7.57 20.17
CA LEU A 735 -32.25 6.25 19.54
C LEU A 735 -32.97 6.33 18.22
N GLY A 736 -32.33 5.87 17.15
CA GLY A 736 -32.94 5.94 15.84
C GLY A 736 -32.31 5.01 14.83
N LEU A 737 -33.00 4.84 13.71
CA LEU A 737 -32.51 4.02 12.61
C LEU A 737 -31.48 4.77 11.77
N THR A 738 -30.43 4.08 11.36
CA THR A 738 -29.45 4.65 10.45
C THR A 738 -29.39 3.87 9.15
N LEU A 739 -29.24 4.59 8.05
CA LEU A 739 -29.16 3.99 6.74
C LEU A 739 -27.93 4.51 5.99
N TRP A 740 -27.07 5.25 6.69
CA TRP A 740 -26.02 6.00 6.02
C TRP A 740 -24.71 6.02 6.79
N TRP A 741 -23.62 5.82 6.06
CA TRP A 741 -22.25 5.94 6.60
C TRP A 741 -21.69 7.32 6.37
N ALA A 742 -20.63 7.67 7.09
CA ALA A 742 -19.83 8.79 6.67
C ALA A 742 -18.99 8.32 5.48
N PRO A 743 -19.18 8.93 4.31
CA PRO A 743 -18.60 8.43 3.05
C PRO A 743 -17.10 8.19 3.12
N THR A 744 -16.69 6.98 2.78
CA THR A 744 -15.27 6.66 2.69
C THR A 744 -14.70 7.29 1.44
N ASP A 745 -13.42 7.07 1.19
CA ASP A 745 -12.80 7.60 -0.02
C ASP A 745 -13.28 6.84 -1.25
N ASN A 746 -13.64 5.57 -1.04
CA ASN A 746 -14.20 4.76 -2.13
C ASN A 746 -15.56 5.28 -2.57
N ASP A 747 -16.31 5.82 -1.63
CA ASP A 747 -17.65 6.33 -1.93
C ASP A 747 -17.59 7.66 -2.67
N LEU A 748 -16.49 8.39 -2.49
CA LEU A 748 -16.35 9.71 -3.10
C LEU A 748 -15.95 9.60 -4.57
N GLY A 749 -15.52 8.42 -4.99
CA GLY A 749 -15.12 8.22 -6.37
C GLY A 749 -16.26 7.68 -7.22
N ARG A 750 -16.26 8.05 -8.49
CA ARG A 750 -17.21 7.50 -9.44
C ARG A 750 -17.02 5.99 -9.54
N GLU A 751 -18.09 5.28 -9.86
CA GLU A 751 -17.99 3.86 -10.06
C GLU A 751 -17.97 3.51 -11.53
N TRP A 752 -16.96 2.72 -11.86
CA TRP A 752 -16.91 1.81 -12.99
C TRP A 752 -18.30 1.56 -13.62
N GLY A 753 -18.49 2.05 -14.85
CA GLY A 753 -19.73 1.82 -15.57
C GLY A 753 -20.99 2.29 -14.89
N GLY A 754 -22.11 1.85 -15.45
CA GLY A 754 -23.41 2.12 -14.89
C GLY A 754 -23.95 3.40 -15.46
N ALA A 755 -25.28 3.51 -15.50
CA ALA A 755 -25.92 4.70 -16.01
C ALA A 755 -25.74 5.86 -15.05
N ASP A 756 -25.56 5.53 -13.77
CA ASP A 756 -25.40 6.55 -12.75
C ASP A 756 -23.97 7.05 -12.72
N GLU A 757 -23.79 8.30 -13.15
CA GLU A 757 -22.47 8.91 -13.20
C GLU A 757 -22.04 9.42 -11.84
N ARG A 758 -22.97 9.45 -10.91
CA ARG A 758 -22.73 10.07 -9.61
C ARG A 758 -21.98 9.15 -8.65
N PRO A 759 -21.02 9.71 -7.91
CA PRO A 759 -20.36 8.93 -6.85
C PRO A 759 -21.40 8.51 -5.82
N LEU A 760 -21.20 7.36 -5.19
CA LEU A 760 -22.18 6.83 -4.25
C LEU A 760 -22.46 7.81 -3.11
N ALA A 761 -21.45 8.58 -2.74
CA ALA A 761 -21.61 9.58 -1.70
C ALA A 761 -22.62 10.65 -2.13
N THR A 762 -22.54 11.05 -3.39
CA THR A 762 -23.45 12.06 -3.93
C THR A 762 -24.86 11.50 -4.06
N GLN A 763 -24.97 10.25 -4.49
CA GLN A 763 -26.26 9.57 -4.59
C GLN A 763 -27.02 9.64 -3.27
N TRP A 764 -26.28 9.48 -2.17
CA TRP A 764 -26.86 9.52 -0.85
C TRP A 764 -27.35 10.91 -0.47
N LYS A 765 -26.57 11.94 -0.81
CA LYS A 765 -26.93 13.30 -0.42
C LYS A 765 -28.18 13.76 -1.17
N ASP A 766 -28.27 13.46 -2.46
CA ASP A 766 -29.45 13.79 -3.24
C ASP A 766 -30.67 13.03 -2.74
N ALA A 767 -30.45 11.83 -2.22
CA ALA A 767 -31.52 11.00 -1.70
C ALA A 767 -31.93 11.45 -0.30
N GLY A 768 -31.11 12.31 0.30
CA GLY A 768 -31.39 12.83 1.63
C GLY A 768 -31.13 11.79 2.70
N LEU A 769 -30.26 10.83 2.40
CA LEU A 769 -29.99 9.71 3.30
C LEU A 769 -29.20 10.14 4.53
N ASN A 770 -28.60 11.32 4.48
CA ASN A 770 -27.81 11.82 5.60
C ASN A 770 -28.63 12.71 6.53
N ARG A 771 -29.83 13.05 6.09
CA ARG A 771 -30.68 13.96 6.84
C ARG A 771 -32.06 13.34 7.08
N LEU A 772 -32.09 12.27 7.85
CA LEU A 772 -33.32 11.52 8.09
C LEU A 772 -34.12 12.07 9.26
N HIS A 773 -35.44 12.08 9.09
CA HIS A 773 -36.34 12.55 10.14
C HIS A 773 -37.35 11.47 10.48
N THR A 774 -37.72 11.38 11.75
CA THR A 774 -38.65 10.36 12.19
C THR A 774 -39.99 10.96 12.63
N ARG A 775 -41.07 10.34 12.21
CA ARG A 775 -42.40 10.73 12.66
C ARG A 775 -43.01 9.61 13.48
N LEU A 776 -43.39 9.93 14.71
CA LEU A 776 -44.03 8.98 15.60
C LEU A 776 -45.44 8.65 15.11
N LEU A 777 -45.79 7.37 15.13
CA LEU A 777 -47.11 6.96 14.66
C LEU A 777 -48.03 6.58 15.83
N GLY A 778 -47.49 5.91 16.83
CA GLY A 778 -48.27 5.51 17.98
C GLY A 778 -47.50 4.63 18.94
N ILE A 779 -47.92 4.64 20.21
CA ILE A 779 -47.29 3.81 21.22
C ILE A 779 -48.31 2.88 21.85
N SER A 780 -48.15 1.58 21.61
CA SER A 780 -49.09 0.60 22.15
C SER A 780 -48.51 -0.14 23.34
N ALA A 781 -49.39 -0.62 24.21
CA ALA A 781 -49.02 -1.54 25.27
C ALA A 781 -49.87 -2.79 25.12
N ASN A 782 -49.20 -3.93 25.00
CA ASN A 782 -49.89 -5.18 24.74
C ASN A 782 -49.58 -6.23 25.79
N PRO A 783 -50.55 -7.11 26.09
CA PRO A 783 -50.38 -8.09 27.16
C PRO A 783 -49.25 -9.08 26.87
N GLY A 784 -48.43 -9.35 27.88
CA GLY A 784 -47.40 -10.36 27.77
C GLY A 784 -47.80 -11.60 28.55
N GLN A 785 -47.40 -11.65 29.81
CA GLN A 785 -47.78 -12.76 30.67
C GLN A 785 -47.62 -12.36 32.14
N ASP A 786 -48.48 -12.88 33.01
CA ASP A 786 -48.41 -12.64 34.45
C ASP A 786 -48.35 -11.16 34.77
N GLY A 787 -49.20 -10.38 34.11
CA GLY A 787 -49.26 -8.95 34.32
C GLY A 787 -48.30 -8.18 33.43
N GLY A 788 -47.54 -8.91 32.62
CA GLY A 788 -46.52 -8.33 31.78
C GLY A 788 -47.05 -7.59 30.57
N GLU A 789 -46.46 -6.44 30.28
CA GLU A 789 -46.87 -5.64 29.14
C GLU A 789 -45.71 -5.42 28.18
N THR A 790 -45.97 -5.60 26.89
CA THR A 790 -44.97 -5.40 25.86
C THR A 790 -45.23 -4.11 25.09
N LEU A 791 -44.37 -3.12 25.31
CA LEU A 791 -44.50 -1.80 24.70
C LEU A 791 -44.10 -1.82 23.23
N THR A 792 -44.90 -1.16 22.38
CA THR A 792 -44.59 -1.10 20.96
C THR A 792 -44.62 0.33 20.44
N VAL A 793 -43.48 0.82 19.96
CA VAL A 793 -43.42 2.16 19.39
C VAL A 793 -43.33 2.07 17.87
N ARG A 794 -44.36 2.56 17.19
CA ARG A 794 -44.38 2.55 15.73
C ARG A 794 -43.99 3.91 15.16
N THR A 795 -42.99 3.91 14.28
CA THR A 795 -42.51 5.15 13.68
C THR A 795 -42.31 5.00 12.19
N ARG A 796 -42.09 6.13 11.52
CA ARG A 796 -41.76 6.14 10.11
C ARG A 796 -40.55 7.03 9.87
N VAL A 797 -39.63 6.59 9.02
CA VAL A 797 -38.42 7.36 8.74
C VAL A 797 -38.39 7.83 7.29
N SER A 798 -37.92 9.05 7.09
CA SER A 798 -37.86 9.63 5.77
C SER A 798 -36.97 10.87 5.76
N ALA A 799 -37.01 11.63 4.68
CA ALA A 799 -36.24 12.86 4.58
C ALA A 799 -37.08 13.92 3.89
N ALA A 800 -36.63 15.18 3.98
CA ALA A 800 -37.37 16.28 3.39
C ALA A 800 -37.45 16.15 1.88
N ASP A 801 -38.63 16.49 1.34
CA ASP A 801 -38.90 16.51 -0.10
C ASP A 801 -38.93 15.11 -0.71
N LYS A 802 -38.93 14.08 0.15
CA LYS A 802 -38.97 12.71 -0.34
C LYS A 802 -40.30 12.04 0.02
N GLN A 803 -40.81 11.21 -0.89
CA GLN A 803 -42.07 10.54 -0.66
C GLN A 803 -41.88 9.10 -0.18
N TYR A 804 -40.68 8.56 -0.37
CA TYR A 804 -40.38 7.21 0.10
C TYR A 804 -39.95 7.25 1.55
N GLY A 805 -40.12 6.14 2.25
CA GLY A 805 -39.74 6.06 3.64
C GLY A 805 -39.68 4.64 4.14
N VAL A 806 -39.40 4.47 5.42
CA VAL A 806 -39.32 3.16 6.04
C VAL A 806 -40.07 3.12 7.36
N LEU A 807 -40.85 2.08 7.57
CA LEU A 807 -41.59 1.90 8.80
C LEU A 807 -40.83 1.02 9.78
N VAL A 808 -40.42 1.56 10.92
CA VAL A 808 -39.75 0.76 11.92
C VAL A 808 -40.55 0.73 13.23
N ASP A 809 -40.66 -0.45 13.82
CA ASP A 809 -41.41 -0.64 15.06
C ASP A 809 -40.52 -1.27 16.12
N TYR A 810 -40.55 -0.69 17.32
CA TYR A 810 -39.74 -1.20 18.43
C TYR A 810 -40.61 -1.82 19.51
N THR A 811 -40.58 -3.14 19.63
CA THR A 811 -41.34 -3.82 20.68
C THR A 811 -40.43 -4.21 21.84
N TRP A 812 -40.69 -3.64 23.01
CA TRP A 812 -39.85 -3.86 24.18
C TRP A 812 -40.47 -4.86 25.16
N SER A 813 -39.61 -5.49 25.95
CA SER A 813 -40.04 -6.43 26.99
C SER A 813 -38.92 -6.62 27.99
N THR A 814 -39.26 -7.02 29.21
CA THR A 814 -38.27 -7.22 30.25
C THR A 814 -38.78 -8.12 31.37
N ASP A 815 -37.88 -8.90 31.94
CA ASP A 815 -38.21 -9.72 33.09
C ASP A 815 -37.86 -8.96 34.37
N GLY A 816 -37.45 -7.70 34.19
CA GLY A 816 -37.07 -6.85 35.30
C GLY A 816 -35.56 -6.71 35.42
N GLU A 817 -34.85 -7.64 34.78
CA GLU A 817 -33.40 -7.66 34.86
C GLU A 817 -32.76 -7.45 33.48
N THR A 818 -33.30 -8.14 32.49
CA THR A 818 -32.77 -8.08 31.13
C THR A 818 -33.81 -7.51 30.18
N VAL A 819 -33.39 -6.55 29.36
CA VAL A 819 -34.30 -5.87 28.44
C VAL A 819 -34.24 -6.44 27.03
N GLY A 820 -35.40 -6.74 26.46
CA GLY A 820 -35.48 -7.34 25.14
C GLY A 820 -36.06 -6.42 24.08
N LEU A 821 -35.22 -6.01 23.16
CA LEU A 821 -35.62 -5.11 22.08
C LEU A 821 -35.71 -5.82 20.74
N ARG A 822 -36.84 -5.64 20.06
CA ARG A 822 -37.03 -6.22 18.74
C ARG A 822 -37.39 -5.14 17.74
N THR A 823 -36.67 -5.13 16.61
CA THR A 823 -36.89 -4.11 15.59
C THR A 823 -37.40 -4.70 14.27
N GLN A 824 -38.54 -4.20 13.81
CA GLN A 824 -39.08 -4.57 12.52
C GLN A 824 -38.98 -3.42 11.52
N VAL A 825 -38.47 -3.71 10.33
CA VAL A 825 -38.23 -2.66 9.34
C VAL A 825 -38.92 -2.97 8.01
N ARG A 826 -39.80 -2.07 7.58
CA ARG A 826 -40.55 -2.28 6.34
C ARG A 826 -40.46 -1.07 5.42
N ARG A 827 -40.26 -1.33 4.13
CA ARG A 827 -40.17 -0.26 3.14
C ARG A 827 -41.54 0.33 2.86
N ASP A 828 -41.62 1.64 2.89
CA ASP A 828 -42.83 2.34 2.51
C ASP A 828 -42.56 3.11 1.22
N GLY A 829 -43.08 2.61 0.11
CA GLY A 829 -42.85 3.25 -1.18
C GLY A 829 -41.59 2.74 -1.85
N THR A 830 -41.39 3.16 -3.10
CA THR A 830 -40.21 2.75 -3.85
C THR A 830 -39.06 3.72 -3.61
N TRP A 831 -37.91 3.17 -3.24
CA TRP A 831 -36.74 4.00 -2.97
C TRP A 831 -35.96 4.31 -4.23
N VAL A 832 -36.50 5.20 -5.06
CA VAL A 832 -35.80 5.69 -6.23
C VAL A 832 -35.73 7.21 -6.19
N ASN A 833 -34.60 7.74 -6.61
CA ASN A 833 -34.40 9.18 -6.67
C ASN A 833 -33.58 9.50 -7.90
N ARG A 834 -33.96 10.56 -8.61
CA ARG A 834 -33.27 10.97 -9.84
C ARG A 834 -33.25 9.87 -10.88
N GLY A 835 -34.22 8.96 -10.81
CA GLY A 835 -34.34 7.89 -11.78
C GLY A 835 -33.47 6.68 -11.49
N PHE A 836 -32.85 6.66 -10.32
CA PHE A 836 -31.99 5.54 -9.93
C PHE A 836 -32.34 5.02 -8.55
N GLU A 837 -32.37 3.70 -8.41
CA GLU A 837 -32.65 3.08 -7.12
C GLU A 837 -31.60 3.48 -6.11
N VAL A 838 -32.04 3.80 -4.89
CA VAL A 838 -31.15 4.26 -3.85
C VAL A 838 -30.62 3.08 -3.04
N GLU A 839 -29.30 2.99 -2.92
CA GLU A 839 -28.70 1.95 -2.09
C GLU A 839 -28.48 2.45 -0.66
N TRP A 840 -28.53 1.55 0.30
CA TRP A 840 -28.29 1.89 1.69
C TRP A 840 -26.87 1.51 2.08
N ALA A 841 -26.37 2.13 3.14
CA ALA A 841 -25.05 1.79 3.67
C ALA A 841 -25.17 0.80 4.80
N ARG A 842 -26.34 0.76 5.44
CA ARG A 842 -26.53 -0.09 6.60
C ARG A 842 -28.01 -0.29 6.92
N ILE A 843 -28.28 -1.25 7.80
CA ILE A 843 -29.56 -1.36 8.49
C ILE A 843 -29.24 -1.50 9.97
N GLY A 844 -29.16 -0.38 10.67
CA GLY A 844 -28.75 -0.41 12.06
C GLY A 844 -29.42 0.60 12.96
N LEU A 845 -29.03 0.60 14.23
CA LEU A 845 -29.56 1.53 15.21
C LEU A 845 -28.47 2.38 15.82
N GLU A 846 -28.76 3.66 16.03
CA GLU A 846 -27.82 4.55 16.69
C GLU A 846 -28.28 4.85 18.11
N PHE A 847 -27.42 4.52 19.08
CA PHE A 847 -27.67 4.86 20.48
C PHE A 847 -26.76 6.00 20.90
N VAL A 848 -27.35 7.10 21.35
CA VAL A 848 -26.55 8.19 21.88
C VAL A 848 -26.68 8.24 23.39
N LEU A 849 -25.54 8.11 24.08
CA LEU A 849 -25.53 8.01 25.53
C LEU A 849 -24.84 9.20 26.20
N GLY A 850 -25.41 9.65 27.31
CA GLY A 850 -24.94 10.84 27.98
C GLY A 850 -23.65 10.68 28.77
N GLU A 851 -23.15 9.46 28.84
CA GLU A 851 -21.91 9.19 29.55
C GLU A 851 -20.82 8.67 28.60
N GLU A 852 -19.57 8.98 28.91
CA GLU A 852 -18.45 8.50 28.12
C GLU A 852 -18.20 7.02 28.36
N THR A 853 -17.75 6.32 27.31
CA THR A 853 -17.35 4.93 27.45
C THR A 853 -15.86 4.85 27.72
N GLU A 854 -15.49 4.20 28.82
CA GLU A 854 -14.08 4.09 29.19
C GLU A 854 -13.41 2.98 28.42
N LEU A 855 -14.15 1.91 28.14
CA LEU A 855 -13.55 0.70 27.56
C LEU A 855 -14.60 -0.19 26.90
N VAL A 856 -14.27 -0.70 25.72
CA VAL A 856 -15.20 -1.55 24.98
C VAL A 856 -14.71 -2.99 24.87
N SER A 857 -15.59 -3.93 25.19
CA SER A 857 -15.29 -5.35 25.09
C SER A 857 -16.32 -6.03 24.21
N TRP A 858 -15.92 -7.09 23.52
CA TRP A 858 -16.86 -7.85 22.70
C TRP A 858 -16.34 -9.23 22.35
N PHE A 859 -17.25 -10.10 21.91
CA PHE A 859 -16.86 -11.40 21.40
C PHE A 859 -17.25 -11.52 19.92
N GLY A 860 -16.24 -11.73 19.08
CA GLY A 860 -16.44 -11.82 17.65
C GLY A 860 -15.13 -11.69 16.91
N GLN A 861 -15.15 -10.96 15.80
CA GLN A 861 -13.96 -10.80 14.97
C GLN A 861 -13.21 -9.53 15.31
N GLY A 862 -11.95 -9.68 15.73
CA GLY A 862 -11.11 -8.54 16.05
C GLY A 862 -9.65 -8.89 15.94
N PRO A 863 -8.77 -8.01 16.42
CA PRO A 863 -9.10 -6.73 17.08
C PRO A 863 -9.55 -5.62 16.13
N HIS A 864 -8.92 -5.52 14.97
CA HIS A 864 -9.24 -4.43 14.04
C HIS A 864 -10.61 -4.62 13.38
N GLN A 865 -10.96 -3.68 12.50
CA GLN A 865 -12.32 -3.60 11.95
C GLN A 865 -12.68 -4.73 10.99
N SER A 866 -13.98 -4.89 10.77
CA SER A 866 -14.49 -5.92 9.87
C SER A 866 -15.65 -5.38 9.05
N TYR A 867 -15.53 -5.48 7.72
CA TYR A 867 -16.63 -5.16 6.82
C TYR A 867 -16.85 -6.38 5.94
N PRO A 868 -18.02 -6.47 5.27
CA PRO A 868 -18.32 -7.65 4.44
C PRO A 868 -17.20 -8.07 3.49
N ASP A 869 -16.54 -7.12 2.83
CA ASP A 869 -15.51 -7.47 1.87
C ASP A 869 -14.10 -7.32 2.44
N THR A 870 -13.99 -7.08 3.74
CA THR A 870 -12.68 -6.93 4.36
C THR A 870 -12.63 -7.73 5.66
N GLY A 871 -11.71 -7.35 6.55
CA GLY A 871 -11.59 -7.97 7.84
C GLY A 871 -11.16 -9.42 7.80
N GLN A 872 -10.43 -9.82 6.75
CA GLN A 872 -9.97 -11.20 6.63
C GLN A 872 -9.01 -11.56 7.75
N GLY A 873 -8.20 -10.59 8.16
CA GLY A 873 -7.24 -10.80 9.23
C GLY A 873 -7.85 -10.76 10.61
N ALA A 874 -9.12 -10.35 10.68
CA ALA A 874 -9.83 -10.33 11.94
C ALA A 874 -10.25 -11.74 12.35
N ARG A 875 -9.70 -12.23 13.46
CA ARG A 875 -9.95 -13.58 13.91
C ARG A 875 -11.00 -13.62 15.03
N ALA A 876 -11.51 -14.82 15.29
CA ALA A 876 -12.49 -15.00 16.36
C ALA A 876 -11.81 -15.01 17.72
N GLY A 877 -12.42 -14.34 18.69
CA GLY A 877 -11.90 -14.33 20.04
C GLY A 877 -12.59 -13.33 20.94
N TRP A 878 -11.99 -13.10 22.11
CA TRP A 878 -12.50 -12.10 23.05
C TRP A 878 -11.59 -10.90 23.05
N PHE A 879 -12.15 -9.74 22.77
CA PHE A 879 -11.35 -8.53 22.64
C PHE A 879 -11.85 -7.41 23.54
N SER A 880 -10.91 -6.65 24.09
CA SER A 880 -11.24 -5.52 24.95
C SER A 880 -10.31 -4.35 24.70
N LEU A 881 -10.87 -3.25 24.22
CA LEU A 881 -10.07 -2.08 23.85
C LEU A 881 -10.56 -0.80 24.49
N PRO A 882 -9.62 0.09 24.84
CA PRO A 882 -9.98 1.45 25.22
C PRO A 882 -10.71 2.12 24.06
N LEU A 883 -11.62 3.05 24.37
CA LEU A 883 -12.41 3.68 23.33
C LEU A 883 -11.53 4.34 22.28
N ALA A 884 -10.38 4.86 22.72
CA ALA A 884 -9.48 5.56 21.82
C ALA A 884 -8.86 4.65 20.77
N LYS A 885 -8.74 3.37 21.10
CA LYS A 885 -8.09 2.42 20.20
C LYS A 885 -9.10 1.70 19.31
N MET A 886 -10.37 2.08 19.45
CA MET A 886 -11.42 1.54 18.59
C MET A 886 -11.37 2.18 17.22
N ASP A 887 -11.05 3.47 17.21
CA ASP A 887 -11.03 4.27 16.00
C ASP A 887 -9.85 3.88 15.11
N VAL A 888 -9.87 4.33 13.86
CA VAL A 888 -8.74 4.13 12.95
C VAL A 888 -8.31 5.48 12.39
N GLU A 889 -7.04 5.81 12.56
CA GLU A 889 -6.55 7.15 12.28
C GLU A 889 -6.25 7.41 10.81
N TYR A 890 -7.24 7.24 9.94
CA TYR A 890 -7.08 7.59 8.53
C TYR A 890 -6.86 9.09 8.41
N VAL A 891 -6.03 9.49 7.45
CA VAL A 891 -5.65 10.90 7.31
C VAL A 891 -6.87 11.80 7.15
N ARG A 892 -7.79 11.40 6.27
CA ARG A 892 -9.07 12.08 6.14
C ARG A 892 -10.14 11.24 6.80
N PRO A 893 -10.72 11.74 7.90
CA PRO A 893 -11.73 11.02 8.70
C PRO A 893 -12.92 10.54 7.87
N GLN A 894 -13.26 9.26 8.02
CA GLN A 894 -14.33 8.63 7.28
C GLN A 894 -14.86 7.43 8.05
N GLU A 895 -15.82 6.71 7.48
CA GLU A 895 -16.38 5.54 8.15
C GLU A 895 -15.32 4.48 8.42
N CYS A 896 -15.19 4.11 9.68
CA CYS A 896 -14.24 3.10 10.12
C CYS A 896 -14.46 2.77 11.59
N GLY A 897 -14.14 1.54 11.98
CA GLY A 897 -14.22 1.15 13.38
C GLY A 897 -15.33 0.15 13.65
N ALA A 898 -15.92 -0.38 12.60
CA ALA A 898 -16.99 -1.35 12.73
C ALA A 898 -16.44 -2.76 12.94
N ARG A 899 -16.91 -3.42 13.99
CA ARG A 899 -16.52 -4.80 14.25
C ARG A 899 -17.66 -5.74 13.90
N SER A 900 -17.62 -6.31 12.71
CA SER A 900 -18.69 -7.19 12.25
C SER A 900 -18.70 -8.51 12.98
N GLY A 901 -19.73 -9.32 12.72
CA GLY A 901 -19.84 -10.65 13.29
C GLY A 901 -19.69 -10.70 14.80
N SER A 902 -20.26 -9.72 15.49
CA SER A 902 -20.22 -9.70 16.94
C SER A 902 -21.35 -10.54 17.51
N ARG A 903 -21.13 -11.12 18.68
CA ARG A 903 -22.15 -11.91 19.34
C ARG A 903 -22.60 -11.23 20.62
N SER A 904 -21.66 -10.62 21.32
CA SER A 904 -21.95 -9.91 22.55
C SER A 904 -20.99 -8.73 22.74
N ALA A 905 -21.44 -7.70 23.44
CA ALA A 905 -20.62 -6.53 23.66
C ALA A 905 -20.89 -5.91 25.03
N ALA A 906 -19.85 -5.33 25.62
CA ALA A 906 -19.97 -4.71 26.93
C ALA A 906 -19.31 -3.34 26.95
N LEU A 907 -20.08 -2.31 27.29
CA LEU A 907 -19.56 -0.95 27.39
C LEU A 907 -19.53 -0.51 28.83
N GLN A 908 -18.37 -0.10 29.33
CA GLN A 908 -18.30 0.36 30.70
C GLN A 908 -18.42 1.89 30.71
N LEU A 909 -19.43 2.37 31.43
CA LEU A 909 -19.67 3.80 31.55
C LEU A 909 -19.62 4.21 33.01
N GLY A 910 -18.50 4.83 33.40
CA GLY A 910 -18.27 5.20 34.78
C GLY A 910 -18.15 3.96 35.65
N GLY A 911 -19.24 3.62 36.34
CA GLY A 911 -19.28 2.45 37.19
C GLY A 911 -20.26 1.42 36.69
N ARG A 912 -20.88 1.72 35.55
CA ARG A 912 -21.88 0.83 34.97
C ARG A 912 -21.36 0.17 33.69
N THR A 913 -21.75 -1.08 33.49
CA THR A 913 -21.39 -1.81 32.28
C THR A 913 -22.65 -2.22 31.53
N LEU A 914 -22.70 -1.89 30.24
CA LEU A 914 -23.86 -2.20 29.41
C LEU A 914 -23.62 -3.40 28.51
N GLU A 915 -24.41 -4.45 28.70
CA GLU A 915 -24.28 -5.67 27.92
C GLU A 915 -25.24 -5.70 26.74
N ILE A 916 -24.73 -6.03 25.57
CA ILE A 916 -25.55 -6.17 24.38
C ILE A 916 -25.31 -7.52 23.72
N CYS A 917 -26.37 -8.34 23.64
CA CYS A 917 -26.28 -9.63 22.98
C CYS A 917 -27.28 -9.72 21.84
N GLY A 918 -27.24 -10.82 21.10
CA GLY A 918 -28.17 -11.01 20.02
C GLY A 918 -27.58 -11.72 18.82
N ASP A 919 -28.32 -11.68 17.71
CA ASP A 919 -27.87 -12.21 16.43
C ASP A 919 -26.57 -11.53 16.02
N PRO A 920 -25.85 -12.10 15.05
CA PRO A 920 -24.64 -11.43 14.57
C PRO A 920 -24.89 -9.97 14.18
N PHE A 921 -24.16 -9.06 14.81
CA PHE A 921 -24.30 -7.64 14.52
C PHE A 921 -22.93 -6.98 14.42
N ALA A 922 -22.90 -5.79 13.85
CA ALA A 922 -21.64 -5.05 13.73
C ALA A 922 -21.58 -3.95 14.79
N LEU A 923 -20.47 -3.89 15.51
CA LEU A 923 -20.34 -2.93 16.60
C LEU A 923 -19.47 -1.74 16.21
N THR A 924 -19.93 -0.54 16.55
CA THR A 924 -19.13 0.65 16.39
C THR A 924 -19.39 1.60 17.56
N VAL A 925 -18.32 2.11 18.16
CA VAL A 925 -18.46 3.08 19.25
C VAL A 925 -17.55 4.28 19.01
N ARG A 926 -18.12 5.48 19.08
CA ARG A 926 -17.35 6.70 18.85
C ARG A 926 -17.63 7.78 19.88
N PRO A 927 -16.64 8.65 20.13
CA PRO A 927 -16.78 9.82 21.01
C PRO A 927 -17.49 10.98 20.32
N TYR A 928 -17.80 10.85 19.04
CA TYR A 928 -18.38 11.94 18.27
C TYR A 928 -19.42 11.44 17.28
N SER A 929 -20.25 12.34 16.78
CA SER A 929 -21.33 11.95 15.89
C SER A 929 -20.83 11.76 14.45
N GLN A 930 -21.69 11.24 13.59
CA GLN A 930 -21.34 11.03 12.19
C GLN A 930 -21.22 12.36 11.46
N ASP A 931 -22.09 13.30 11.79
CA ASP A 931 -22.04 14.62 11.19
C ASP A 931 -20.68 15.26 11.42
N VAL A 932 -20.11 14.99 12.58
CA VAL A 932 -18.77 15.45 12.91
C VAL A 932 -17.72 14.70 12.10
N LEU A 933 -17.91 13.38 11.97
CA LEU A 933 -16.97 12.53 11.26
C LEU A 933 -16.91 12.87 9.77
N ASP A 934 -18.08 13.07 9.18
CA ASP A 934 -18.17 13.40 7.76
C ASP A 934 -17.54 14.74 7.45
N ALA A 935 -17.93 15.76 8.22
CA ALA A 935 -17.48 17.12 8.00
C ALA A 935 -15.96 17.28 8.15
N ALA A 936 -15.38 16.51 9.06
CA ALA A 936 -13.96 16.64 9.38
C ALA A 936 -13.09 16.45 8.15
N ALA A 937 -12.20 17.42 7.92
CA ALA A 937 -11.24 17.34 6.82
C ALA A 937 -9.95 16.72 7.32
N HIS A 938 -9.70 16.88 8.61
CA HIS A 938 -8.50 16.34 9.24
C HIS A 938 -8.81 15.75 10.60
N ARG A 939 -7.86 15.01 11.16
CA ARG A 939 -8.01 14.44 12.48
C ARG A 939 -8.30 15.49 13.58
N PRO A 940 -7.57 16.63 13.58
CA PRO A 940 -7.86 17.62 14.63
C PRO A 940 -9.30 18.14 14.64
N ASP A 941 -10.01 18.06 13.51
CA ASP A 941 -11.38 18.55 13.44
C ASP A 941 -12.35 17.73 14.30
N LEU A 942 -11.86 16.62 14.86
CA LEU A 942 -12.68 15.72 15.65
C LEU A 942 -12.60 16.00 17.14
N LYS A 943 -13.60 16.68 17.69
CA LYS A 943 -13.66 16.93 19.12
C LYS A 943 -14.81 16.18 19.79
N ALA A 944 -14.49 15.42 20.82
CA ALA A 944 -15.50 14.67 21.56
C ALA A 944 -16.42 15.63 22.32
N ASP A 945 -17.70 15.29 22.41
CA ASP A 945 -18.68 16.16 23.05
C ASP A 945 -19.17 15.62 24.39
N GLY A 946 -18.58 14.51 24.83
CA GLY A 946 -18.92 13.95 26.13
C GLY A 946 -19.99 12.87 26.04
N ARG A 947 -20.45 12.60 24.83
CA ARG A 947 -21.44 11.55 24.63
C ARG A 947 -20.79 10.27 24.12
N THR A 948 -21.56 9.18 24.14
CA THR A 948 -21.14 7.92 23.54
C THR A 948 -22.07 7.56 22.39
N TYR A 949 -21.53 7.46 21.20
CA TYR A 949 -22.33 7.10 20.04
C TYR A 949 -22.15 5.62 19.72
N LEU A 950 -23.15 4.83 20.10
CA LEU A 950 -23.10 3.38 19.92
C LEU A 950 -23.90 2.96 18.69
N TYR A 951 -23.28 2.14 17.85
CA TYR A 951 -23.94 1.69 16.63
C TYR A 951 -24.05 0.17 16.60
N VAL A 952 -25.26 -0.32 16.35
CA VAL A 952 -25.51 -1.75 16.22
C VAL A 952 -26.16 -2.02 14.86
N ASP A 953 -25.39 -2.60 13.94
CA ASP A 953 -25.90 -2.82 12.59
C ASP A 953 -26.27 -4.26 12.32
N HIS A 954 -27.48 -4.44 11.79
CA HIS A 954 -27.96 -5.76 11.39
C HIS A 954 -27.25 -6.19 10.11
N ALA A 955 -27.27 -5.33 9.11
CA ALA A 955 -26.64 -5.60 7.83
C ALA A 955 -25.73 -4.45 7.44
N LEU A 956 -24.59 -4.77 6.85
CA LEU A 956 -23.64 -3.74 6.44
C LEU A 956 -23.34 -3.84 4.95
N ARG A 957 -22.60 -2.86 4.45
CA ARG A 957 -22.28 -2.77 3.04
C ARG A 957 -20.78 -3.00 2.86
N GLY A 958 -20.37 -3.45 1.67
CA GLY A 958 -18.96 -3.61 1.38
C GLY A 958 -18.35 -2.25 1.11
N VAL A 959 -17.06 -2.11 1.34
CA VAL A 959 -16.38 -0.84 1.08
C VAL A 959 -15.83 -0.79 -0.34
N GLY A 960 -15.49 -1.95 -0.88
CA GLY A 960 -14.98 -2.07 -2.24
C GLY A 960 -13.68 -1.33 -2.44
N THR A 961 -13.38 -1.02 -3.70
CA THR A 961 -12.18 -0.24 -4.06
C THR A 961 -12.53 0.76 -5.16
N ALA A 962 -13.70 1.38 -5.03
CA ALA A 962 -14.24 2.22 -6.10
C ALA A 962 -13.43 3.49 -6.35
N ALA A 963 -12.51 3.82 -5.45
CA ALA A 963 -11.67 5.01 -5.62
C ALA A 963 -10.85 4.90 -6.91
N CYS A 964 -10.55 3.66 -7.28
CA CYS A 964 -9.84 3.35 -8.53
C CYS A 964 -9.91 1.86 -8.76
N GLY A 965 -10.68 1.46 -9.76
CA GLY A 965 -10.90 0.06 -10.02
C GLY A 965 -12.29 -0.36 -9.57
N PRO A 966 -12.51 -1.67 -9.42
CA PRO A 966 -13.82 -2.26 -9.07
C PRO A 966 -14.44 -1.69 -7.79
N GLY A 967 -15.73 -1.40 -7.86
CA GLY A 967 -16.48 -0.98 -6.70
C GLY A 967 -16.91 -2.20 -5.93
N VAL A 968 -17.93 -2.04 -5.09
CA VAL A 968 -18.45 -3.13 -4.28
C VAL A 968 -18.99 -4.24 -5.17
N LEU A 969 -18.68 -5.48 -4.81
CA LEU A 969 -19.18 -6.63 -5.54
C LEU A 969 -20.65 -6.85 -5.22
N GLU A 970 -21.36 -7.51 -6.13
CA GLU A 970 -22.80 -7.70 -6.02
C GLU A 970 -23.24 -8.24 -4.66
N GLN A 971 -22.60 -9.31 -4.21
CA GLN A 971 -23.00 -9.97 -2.98
C GLN A 971 -22.76 -9.12 -1.74
N TYR A 972 -22.06 -8.01 -1.90
CA TYR A 972 -21.72 -7.16 -0.78
C TYR A 972 -22.53 -5.86 -0.77
N ARG A 973 -23.27 -5.62 -1.84
CA ARG A 973 -24.09 -4.42 -1.93
C ARG A 973 -25.34 -4.53 -1.07
N LEU A 974 -25.82 -3.39 -0.60
CA LEU A 974 -27.01 -3.35 0.26
C LEU A 974 -28.12 -2.53 -0.36
N LYS A 975 -29.14 -3.21 -0.87
CA LYS A 975 -30.29 -2.55 -1.46
C LYS A 975 -31.45 -2.56 -0.48
N PRO A 976 -32.40 -1.62 -0.63
CA PRO A 976 -33.57 -1.57 0.24
C PRO A 976 -34.33 -2.89 0.33
N ARG A 977 -34.60 -3.31 1.56
CA ARG A 977 -35.30 -4.55 1.83
C ARG A 977 -35.86 -4.53 3.24
N ASP A 978 -36.82 -5.41 3.53
CA ASP A 978 -37.40 -5.51 4.86
C ASP A 978 -36.54 -6.41 5.75
N ALA A 979 -36.31 -6.00 6.99
CA ALA A 979 -35.43 -6.76 7.87
C ALA A 979 -35.89 -6.88 9.32
N ASP A 980 -35.31 -7.83 10.05
CA ASP A 980 -35.55 -7.91 11.49
C ASP A 980 -34.34 -8.41 12.29
N PHE A 981 -34.39 -8.15 13.59
CA PHE A 981 -33.38 -8.61 14.54
C PHE A 981 -33.82 -8.35 15.97
N ILE A 982 -33.33 -9.20 16.86
CA ILE A 982 -33.60 -9.10 18.28
C ILE A 982 -32.33 -8.72 19.01
N LEU A 983 -32.45 -7.86 20.02
CA LEU A 983 -31.31 -7.52 20.85
C LEU A 983 -31.57 -7.87 22.30
N THR A 984 -30.48 -8.02 23.05
CA THR A 984 -30.55 -8.33 24.46
C THR A 984 -29.77 -7.27 25.23
N LEU A 985 -30.47 -6.53 26.09
CA LEU A 985 -29.83 -5.46 26.83
C LEU A 985 -29.85 -5.73 28.32
N LYS A 986 -28.82 -5.24 29.01
CA LYS A 986 -28.67 -5.46 30.43
C LYS A 986 -27.63 -4.49 30.97
N VAL A 987 -27.86 -3.96 32.17
CA VAL A 987 -26.89 -3.07 32.79
C VAL A 987 -26.46 -3.60 34.15
N ARG A 988 -25.17 -3.87 34.28
CA ARG A 988 -24.61 -4.29 35.55
C ARG A 988 -24.01 -3.11 36.29
N SER A 989 -24.71 -2.64 37.30
CA SER A 989 -24.25 -1.52 38.12
C SER A 989 -23.51 -2.02 39.35
NA NA B . -2.38 6.99 -5.99
#